data_8PX9
#
_entry.id   8PX9
#
_cell.length_a   81.190
_cell.length_b   109.320
_cell.length_c   233.350
_cell.angle_alpha   90.00
_cell.angle_beta   90.00
_cell.angle_gamma   90.00
#
_symmetry.space_group_name_H-M   'P 21 21 21'
#
loop_
_entity.id
_entity.type
_entity.pdbx_description
1 polymer 'Microcin-J25 export ATP-binding/permease protein McjD'
2 non-polymer 'MAGNESIUM ION'
3 non-polymer 'PHOSPHOAMINOPHOSPHONIC ACID-ADENYLATE ESTER'
#
_entity_poly.entity_id   1
_entity_poly.type   'polypeptide(L)'
_entity_poly.pdbx_seq_one_letter_code
;MERKQKNSLFNYIYSLMDVRGKFLFFSMLFITSLSSIIISISPLILAKITDLLSGSLSNFSYEYLVLLACLYMFCVISNK
ASVFLFMILQSSLRINMQKKMSLKYLRELYNENITNLSKNNAGYTTQSLNQASNDIYILVRNVSQNILSPVIQLISTIVV
VLSTKDWFSAGVFFLYILVFVIFNTRLTGSLASLRKHSMDITLNSYSLLSDTVDNMIAAKKNNALRLISERYEDALTQEN
NAQKKYWLLSSKVLLLNSLLAVILFGSVFIYNILGVLNGVVSIGHFIMITSYIILLSTPVENIGALLSEIRQSMSSLAGF
IQRHAENKATSPSIPFLNMERKLNLSIRELSFSYSDDKKILNSVSLDLFTGKMYSLTGPSGSGKSTLVKIISGYYKNYFG
DIYLNDISLRNISDEDLNDAIYYLTQDDYIFMDTLRFNLRLANYDASENEIFKVLKLANLSVVNNEPVSLDTHLINRGNN
YSGGQKQRISLARLFLRKPAIIIIDEATSALDYINESEILSSIRTHFPDALIINISHRINLLECSDCVYVLNEGNIVASG
HFRDLMVSNEYISGLASVTE
;
_entity_poly.pdbx_strand_id   A,B
#
# COMPACT_ATOMS: atom_id res chain seq x y z
N SER A 8 -4.27 -22.67 16.57
CA SER A 8 -3.10 -21.75 16.57
C SER A 8 -3.45 -20.43 15.89
N LEU A 9 -4.08 -20.49 14.71
CA LEU A 9 -4.46 -19.29 13.92
C LEU A 9 -5.68 -18.62 14.53
N PHE A 10 -6.65 -19.42 15.01
CA PHE A 10 -7.85 -18.91 15.71
C PHE A 10 -7.44 -18.28 17.03
N ASN A 11 -6.49 -18.88 17.76
CA ASN A 11 -5.98 -18.32 19.00
C ASN A 11 -5.42 -16.90 18.81
N TYR A 12 -4.69 -16.69 17.69
CA TYR A 12 -4.13 -15.39 17.34
C TYR A 12 -5.25 -14.38 17.09
N ILE A 13 -6.35 -14.81 16.43
CA ILE A 13 -7.47 -13.92 16.14
C ILE A 13 -8.24 -13.59 17.43
N TYR A 14 -8.44 -14.58 18.32
CA TYR A 14 -9.14 -14.36 19.59
C TYR A 14 -8.35 -13.42 20.51
N SER A 15 -7.01 -13.44 20.43
CA SER A 15 -6.15 -12.56 21.21
C SER A 15 -6.19 -11.09 20.74
N LEU A 16 -6.53 -10.86 19.46
CA LEU A 16 -6.61 -9.51 18.89
C LEU A 16 -7.80 -8.70 19.43
N MET A 17 -8.83 -9.38 19.99
CA MET A 17 -10.00 -8.70 20.53
C MET A 17 -9.89 -8.53 22.04
N ASP A 18 -10.22 -7.33 22.54
CA ASP A 18 -10.21 -6.99 23.95
C ASP A 18 -11.56 -7.39 24.61
N VAL A 19 -11.83 -6.93 25.85
CA VAL A 19 -13.11 -7.23 26.52
C VAL A 19 -14.28 -6.68 25.70
N ARG A 20 -14.12 -5.49 25.10
CA ARG A 20 -15.13 -4.88 24.25
C ARG A 20 -15.31 -5.69 22.96
N GLY A 21 -14.19 -6.16 22.39
CA GLY A 21 -14.18 -6.95 21.18
C GLY A 21 -14.84 -8.32 21.36
N LYS A 22 -14.67 -8.93 22.54
CA LYS A 22 -15.27 -10.22 22.84
C LYS A 22 -16.79 -10.09 22.89
N PHE A 23 -17.30 -9.06 23.59
CA PHE A 23 -18.73 -8.77 23.69
C PHE A 23 -19.34 -8.54 22.30
N LEU A 24 -18.71 -7.69 21.49
CA LEU A 24 -19.17 -7.37 20.12
C LEU A 24 -19.21 -8.61 19.23
N PHE A 25 -18.24 -9.53 19.39
CA PHE A 25 -18.19 -10.76 18.61
C PHE A 25 -19.32 -11.70 19.02
N PHE A 26 -19.53 -11.89 20.33
CA PHE A 26 -20.60 -12.78 20.81
C PHE A 26 -21.99 -12.20 20.59
N SER A 27 -22.12 -10.87 20.54
CA SER A 27 -23.38 -10.20 20.24
C SER A 27 -23.78 -10.48 18.78
N MET A 28 -22.80 -10.48 17.86
CA MET A 28 -22.98 -10.79 16.45
C MET A 28 -23.41 -12.25 16.29
N LEU A 29 -22.82 -13.15 17.08
CA LEU A 29 -23.12 -14.58 17.06
C LEU A 29 -24.51 -14.86 17.64
N PHE A 30 -24.90 -14.13 18.69
CA PHE A 30 -26.20 -14.28 19.33
C PHE A 30 -27.34 -13.74 18.44
N ILE A 31 -27.20 -12.50 17.95
CA ILE A 31 -28.17 -11.83 17.08
C ILE A 31 -28.45 -12.64 15.80
N THR A 32 -27.42 -13.26 15.21
CA THR A 32 -27.58 -14.07 14.00
C THR A 32 -28.26 -15.41 14.30
N SER A 33 -28.03 -15.98 15.49
CA SER A 33 -28.64 -17.24 15.90
C SER A 33 -30.12 -17.07 16.24
N LEU A 34 -30.46 -16.00 17.01
CA LEU A 34 -31.82 -15.66 17.40
C LEU A 34 -32.69 -15.38 16.15
N SER A 35 -32.15 -14.63 15.19
CA SER A 35 -32.81 -14.29 13.94
C SER A 35 -33.15 -15.53 13.10
N SER A 36 -32.26 -16.55 13.14
CA SER A 36 -32.41 -17.79 12.41
C SER A 36 -33.58 -18.64 12.92
N ILE A 37 -33.84 -18.59 14.24
CA ILE A 37 -34.95 -19.29 14.89
C ILE A 37 -36.28 -18.64 14.49
N ILE A 38 -36.33 -17.31 14.56
CA ILE A 38 -37.50 -16.53 14.19
C ILE A 38 -37.90 -16.74 12.72
N ILE A 39 -36.96 -16.60 11.78
CA ILE A 39 -37.23 -16.77 10.36
C ILE A 39 -37.56 -18.22 9.96
N SER A 40 -37.05 -19.23 10.71
CA SER A 40 -37.36 -20.64 10.41
C SER A 40 -38.81 -21.04 10.73
N ILE A 41 -39.57 -20.16 11.43
CA ILE A 41 -40.97 -20.34 11.79
C ILE A 41 -41.89 -19.79 10.67
N SER A 42 -41.44 -18.76 9.91
CA SER A 42 -42.15 -18.12 8.81
C SER A 42 -42.92 -19.05 7.85
N PRO A 43 -42.34 -20.13 7.26
CA PRO A 43 -43.10 -20.95 6.29
C PRO A 43 -44.34 -21.66 6.84
N LEU A 44 -44.34 -21.97 8.15
CA LEU A 44 -45.49 -22.57 8.82
C LEU A 44 -46.61 -21.54 9.01
N ILE A 45 -46.26 -20.26 9.20
CA ILE A 45 -47.23 -19.17 9.29
C ILE A 45 -47.93 -18.99 7.93
N LEU A 46 -47.17 -19.04 6.82
CA LEU A 46 -47.70 -18.91 5.47
C LEU A 46 -48.61 -20.09 5.11
N ALA A 47 -48.26 -21.28 5.61
CA ALA A 47 -49.04 -22.51 5.40
C ALA A 47 -50.39 -22.36 6.09
N LYS A 48 -50.41 -21.80 7.32
CA LYS A 48 -51.62 -21.58 8.10
C LYS A 48 -52.50 -20.50 7.49
N ILE A 49 -51.90 -19.48 6.87
CA ILE A 49 -52.63 -18.43 6.14
C ILE A 49 -53.29 -19.08 4.92
N THR A 50 -52.50 -19.85 4.15
CA THR A 50 -52.94 -20.41 2.88
C THR A 50 -54.14 -21.32 3.02
N ASP A 51 -54.08 -22.26 3.98
CA ASP A 51 -55.17 -23.24 4.19
C ASP A 51 -56.45 -22.56 4.71
N LEU A 52 -56.28 -21.59 5.63
CA LEU A 52 -57.34 -20.80 6.21
C LEU A 52 -58.17 -20.08 5.15
N LEU A 53 -57.55 -19.58 4.06
CA LEU A 53 -58.20 -18.94 2.92
C LEU A 53 -59.13 -19.89 2.12
N SER A 54 -58.70 -21.16 1.94
CA SER A 54 -59.52 -22.18 1.28
C SER A 54 -60.75 -22.52 2.10
N GLY A 55 -60.65 -22.48 3.44
CA GLY A 55 -61.75 -22.87 4.29
C GLY A 55 -62.84 -21.80 4.42
N SER A 56 -63.65 -21.93 5.49
CA SER A 56 -64.62 -20.92 5.87
C SER A 56 -63.94 -19.63 6.30
N LEU A 57 -64.67 -18.51 6.18
CA LEU A 57 -64.16 -17.20 6.56
C LEU A 57 -65.12 -16.54 7.55
N SER A 58 -65.09 -17.09 8.77
CA SER A 58 -65.84 -16.60 9.92
C SER A 58 -65.16 -15.34 10.47
N ASN A 59 -65.81 -14.68 11.46
CA ASN A 59 -65.25 -13.52 12.18
C ASN A 59 -63.90 -13.89 12.83
N PHE A 60 -63.87 -15.08 13.48
CA PHE A 60 -62.68 -15.61 14.17
C PHE A 60 -61.63 -16.10 13.16
N SER A 61 -62.00 -16.38 11.91
CA SER A 61 -61.04 -16.69 10.86
C SER A 61 -60.34 -15.45 10.35
N TYR A 62 -60.98 -14.28 10.30
CA TYR A 62 -60.34 -13.05 9.86
C TYR A 62 -59.41 -12.50 10.92
N GLU A 63 -59.82 -12.56 12.19
CA GLU A 63 -59.00 -12.14 13.32
C GLU A 63 -57.72 -12.99 13.44
N TYR A 64 -57.83 -14.30 13.21
CA TYR A 64 -56.71 -15.23 13.21
C TYR A 64 -55.77 -15.01 12.02
N LEU A 65 -56.33 -14.62 10.86
CA LEU A 65 -55.58 -14.31 9.64
C LEU A 65 -54.72 -13.05 9.87
N VAL A 66 -55.30 -12.04 10.52
CA VAL A 66 -54.66 -10.78 10.84
C VAL A 66 -53.51 -11.01 11.85
N LEU A 67 -53.74 -11.90 12.84
CA LEU A 67 -52.72 -12.25 13.83
C LEU A 67 -51.52 -12.93 13.16
N LEU A 68 -51.79 -13.90 12.27
CA LEU A 68 -50.75 -14.61 11.52
C LEU A 68 -50.01 -13.66 10.57
N ALA A 69 -50.70 -12.69 9.96
CA ALA A 69 -50.11 -11.68 9.09
C ALA A 69 -49.13 -10.79 9.87
N CYS A 70 -49.44 -10.50 11.13
CA CYS A 70 -48.58 -9.71 12.00
C CYS A 70 -47.35 -10.52 12.43
N LEU A 71 -47.51 -11.82 12.65
CA LEU A 71 -46.41 -12.71 13.01
C LEU A 71 -45.43 -12.86 11.85
N TYR A 72 -45.93 -12.94 10.61
CA TYR A 72 -45.07 -12.99 9.44
C TYR A 72 -44.32 -11.66 9.27
N MET A 73 -45.01 -10.54 9.56
CA MET A 73 -44.41 -9.22 9.49
C MET A 73 -43.31 -9.06 10.55
N PHE A 74 -43.55 -9.56 11.77
CA PHE A 74 -42.56 -9.54 12.85
C PHE A 74 -41.34 -10.37 12.47
N CYS A 75 -41.55 -11.52 11.83
CA CYS A 75 -40.48 -12.42 11.37
C CYS A 75 -39.56 -11.72 10.36
N VAL A 76 -40.15 -10.94 9.44
CA VAL A 76 -39.42 -10.19 8.44
C VAL A 76 -38.67 -9.01 9.09
N ILE A 77 -39.34 -8.24 9.94
CA ILE A 77 -38.77 -7.10 10.66
C ILE A 77 -37.58 -7.54 11.54
N SER A 78 -37.73 -8.63 12.30
CA SER A 78 -36.68 -9.18 13.15
C SER A 78 -35.44 -9.57 12.36
N ASN A 79 -35.64 -10.15 11.18
CA ASN A 79 -34.54 -10.56 10.32
C ASN A 79 -33.86 -9.35 9.68
N LYS A 80 -34.62 -8.30 9.32
CA LYS A 80 -34.04 -7.09 8.73
C LYS A 80 -33.33 -6.23 9.77
N ALA A 81 -33.82 -6.22 11.01
CA ALA A 81 -33.18 -5.50 12.12
C ALA A 81 -31.89 -6.20 12.51
N SER A 82 -31.84 -7.55 12.43
CA SER A 82 -30.68 -8.34 12.77
C SER A 82 -29.52 -8.15 11.78
N VAL A 83 -29.81 -7.98 10.47
CA VAL A 83 -28.75 -7.74 9.49
C VAL A 83 -28.16 -6.33 9.64
N PHE A 84 -28.97 -5.35 10.09
CA PHE A 84 -28.50 -3.99 10.36
C PHE A 84 -27.70 -3.96 11.65
N LEU A 85 -28.11 -4.72 12.67
CA LEU A 85 -27.38 -4.83 13.94
C LEU A 85 -26.05 -5.56 13.73
N PHE A 86 -26.03 -6.60 12.88
CA PHE A 86 -24.80 -7.32 12.57
C PHE A 86 -23.81 -6.39 11.87
N MET A 87 -24.31 -5.55 10.95
CA MET A 87 -23.51 -4.57 10.21
C MET A 87 -22.84 -3.56 11.14
N ILE A 88 -23.61 -2.95 12.05
CA ILE A 88 -23.16 -1.95 13.01
C ILE A 88 -22.14 -2.54 13.99
N LEU A 89 -22.36 -3.79 14.43
CA LEU A 89 -21.45 -4.47 15.35
C LEU A 89 -20.17 -4.91 14.63
N GLN A 90 -20.29 -5.37 13.37
CA GLN A 90 -19.17 -5.84 12.55
C GLN A 90 -18.18 -4.71 12.27
N SER A 91 -18.69 -3.54 11.87
CA SER A 91 -17.88 -2.35 11.58
C SER A 91 -17.25 -1.82 12.85
N SER A 92 -17.98 -1.87 13.99
CA SER A 92 -17.46 -1.46 15.28
C SER A 92 -16.36 -2.40 15.77
N LEU A 93 -16.45 -3.69 15.45
CA LEU A 93 -15.45 -4.69 15.79
C LEU A 93 -14.20 -4.56 14.89
N ARG A 94 -14.39 -4.11 13.63
CA ARG A 94 -13.29 -3.86 12.70
C ARG A 94 -12.42 -2.75 13.26
N ILE A 95 -13.04 -1.65 13.74
CA ILE A 95 -12.39 -0.49 14.36
C ILE A 95 -11.63 -0.90 15.63
N ASN A 96 -12.26 -1.76 16.45
CA ASN A 96 -11.70 -2.25 17.69
C ASN A 96 -10.47 -3.15 17.47
N MET A 97 -10.49 -4.03 16.46
CA MET A 97 -9.42 -4.98 16.24
C MET A 97 -8.21 -4.44 15.45
N GLN A 98 -8.42 -3.51 14.50
CA GLN A 98 -7.36 -3.01 13.62
C GLN A 98 -6.16 -2.33 14.32
N LYS A 99 -6.39 -1.62 15.44
CA LYS A 99 -5.30 -0.94 16.15
C LYS A 99 -4.32 -1.95 16.75
N LYS A 100 -4.84 -2.97 17.45
CA LYS A 100 -4.01 -4.00 18.07
C LYS A 100 -3.31 -4.88 17.02
N MET A 101 -3.98 -5.09 15.87
CA MET A 101 -3.43 -5.88 14.77
C MET A 101 -2.22 -5.17 14.13
N SER A 102 -2.35 -3.86 13.84
CA SER A 102 -1.30 -3.06 13.21
C SER A 102 -0.09 -2.86 14.11
N LEU A 103 -0.30 -2.62 15.42
CA LEU A 103 0.78 -2.45 16.39
C LEU A 103 1.55 -3.76 16.59
N LYS A 104 0.84 -4.90 16.59
CA LYS A 104 1.47 -6.20 16.70
C LYS A 104 2.39 -6.45 15.49
N TYR A 105 1.94 -6.05 14.28
CA TYR A 105 2.67 -6.21 13.02
C TYR A 105 3.97 -5.39 13.02
N LEU A 106 3.91 -4.13 13.51
CA LEU A 106 5.08 -3.25 13.58
C LEU A 106 6.09 -3.83 14.57
N ARG A 107 5.61 -4.32 15.72
CA ARG A 107 6.48 -4.92 16.73
C ARG A 107 7.04 -6.28 16.27
N GLU A 108 6.32 -7.00 15.37
CA GLU A 108 6.77 -8.25 14.77
C GLU A 108 7.95 -7.97 13.83
N LEU A 109 7.85 -6.87 13.05
CA LEU A 109 8.88 -6.43 12.10
C LEU A 109 10.15 -5.97 12.80
N TYR A 110 10.01 -5.33 13.99
CA TYR A 110 11.13 -4.85 14.80
C TYR A 110 11.99 -6.03 15.29
N ASN A 111 11.35 -7.16 15.63
CA ASN A 111 12.07 -8.32 16.13
C ASN A 111 12.72 -9.17 15.03
N GLU A 112 12.41 -8.92 13.75
CA GLU A 112 13.02 -9.66 12.64
C GLU A 112 14.49 -9.27 12.42
N ASN A 113 15.27 -10.18 11.81
CA ASN A 113 16.69 -9.93 11.53
C ASN A 113 16.87 -9.10 10.24
N ILE A 114 18.01 -8.40 10.15
CA ILE A 114 18.39 -7.51 9.04
C ILE A 114 18.22 -8.19 7.66
N THR A 115 18.66 -9.45 7.54
CA THR A 115 18.60 -10.20 6.28
C THR A 115 17.15 -10.38 5.81
N ASN A 116 16.24 -10.72 6.75
CA ASN A 116 14.82 -10.96 6.50
C ASN A 116 14.09 -9.64 6.19
N LEU A 117 14.50 -8.55 6.84
CA LEU A 117 13.95 -7.24 6.62
C LEU A 117 14.28 -6.71 5.22
N SER A 118 15.50 -6.96 4.75
CA SER A 118 16.00 -6.39 3.49
C SER A 118 15.46 -7.10 2.25
N LYS A 119 14.91 -8.33 2.37
CA LYS A 119 14.50 -9.14 1.22
C LYS A 119 13.12 -8.74 0.70
N ASN A 120 12.32 -8.01 1.49
CA ASN A 120 10.96 -7.59 1.06
C ASN A 120 10.96 -6.10 0.71
N ASN A 121 9.77 -5.49 0.59
CA ASN A 121 9.67 -4.05 0.24
C ASN A 121 8.64 -3.38 1.16
N ALA A 122 8.72 -2.06 1.32
CA ALA A 122 7.73 -1.33 2.15
C ALA A 122 6.34 -1.46 1.52
N GLY A 123 6.23 -1.24 0.21
CA GLY A 123 4.97 -1.40 -0.48
C GLY A 123 4.39 -2.80 -0.28
N TYR A 124 5.29 -3.80 -0.28
CA TYR A 124 5.00 -5.19 -0.03
C TYR A 124 4.54 -5.35 1.43
N THR A 125 5.27 -4.71 2.36
CA THR A 125 4.98 -4.74 3.79
C THR A 125 3.60 -4.14 4.13
N THR A 126 3.27 -2.96 3.57
CA THR A 126 1.98 -2.31 3.82
C THR A 126 0.82 -3.12 3.23
N GLN A 127 1.02 -3.69 2.03
CA GLN A 127 0.00 -4.51 1.37
C GLN A 127 -0.15 -5.88 2.02
N SER A 128 0.91 -6.40 2.69
CA SER A 128 0.85 -7.65 3.42
C SER A 128 -0.10 -7.51 4.61
N LEU A 129 -0.07 -6.35 5.28
CA LEU A 129 -0.98 -6.01 6.37
C LEU A 129 -2.42 -5.92 5.85
N ASN A 130 -2.61 -5.33 4.65
CA ASN A 130 -3.92 -5.21 4.01
C ASN A 130 -4.54 -6.57 3.72
N GLN A 131 -3.75 -7.51 3.19
CA GLN A 131 -4.21 -8.84 2.87
C GLN A 131 -4.53 -9.64 4.14
N ALA A 132 -3.68 -9.52 5.16
CA ALA A 132 -3.87 -10.24 6.42
C ALA A 132 -5.05 -9.69 7.23
N SER A 133 -5.20 -8.37 7.28
CA SER A 133 -6.31 -7.74 8.00
C SER A 133 -7.66 -8.10 7.37
N ASN A 134 -7.70 -8.22 6.04
CA ASN A 134 -8.89 -8.60 5.30
C ASN A 134 -9.27 -10.05 5.64
N ASP A 135 -8.28 -10.95 5.67
CA ASP A 135 -8.47 -12.36 5.99
C ASP A 135 -9.04 -12.55 7.40
N ILE A 136 -8.61 -11.72 8.36
CA ILE A 136 -9.12 -11.80 9.72
C ILE A 136 -10.58 -11.36 9.73
N TYR A 137 -10.89 -10.24 9.04
CA TYR A 137 -12.25 -9.72 8.87
C TYR A 137 -13.20 -10.77 8.26
N ILE A 138 -12.72 -11.49 7.22
CA ILE A 138 -13.47 -12.55 6.56
C ILE A 138 -13.73 -13.69 7.54
N LEU A 139 -12.68 -14.16 8.23
CA LEU A 139 -12.79 -15.25 9.18
C LEU A 139 -13.72 -14.94 10.36
N VAL A 140 -13.66 -13.70 10.90
CA VAL A 140 -14.52 -13.26 11.99
C VAL A 140 -16.00 -13.30 11.57
N ARG A 141 -16.29 -12.85 10.33
CA ARG A 141 -17.64 -12.85 9.76
C ARG A 141 -18.19 -14.27 9.60
N ASN A 142 -17.39 -15.19 9.07
CA ASN A 142 -17.82 -16.57 8.83
C ASN A 142 -18.11 -17.36 10.11
N VAL A 143 -17.35 -17.14 11.18
CA VAL A 143 -17.73 -17.87 12.43
C VAL A 143 -19.07 -17.30 12.92
N SER A 144 -19.05 -16.09 13.50
CA SER A 144 -20.26 -15.50 14.12
C SER A 144 -21.50 -15.53 13.22
N GLN A 145 -21.34 -15.56 11.89
CA GLN A 145 -22.55 -15.46 11.03
C GLN A 145 -22.87 -16.77 10.29
N ASN A 146 -21.86 -17.46 9.75
CA ASN A 146 -22.16 -18.65 8.90
C ASN A 146 -21.97 -19.98 9.65
N ILE A 147 -22.15 -20.01 10.97
CA ILE A 147 -22.06 -21.32 11.70
C ILE A 147 -23.42 -21.69 12.29
N LEU A 148 -23.82 -21.01 13.36
CA LEU A 148 -25.10 -21.31 14.03
C LEU A 148 -26.31 -20.99 13.18
N SER A 149 -26.28 -19.87 12.44
CA SER A 149 -27.42 -19.46 11.62
C SER A 149 -27.82 -20.51 10.57
N PRO A 150 -26.92 -21.06 9.71
CA PRO A 150 -27.35 -22.04 8.70
C PRO A 150 -27.73 -23.40 9.27
N VAL A 151 -27.02 -23.87 10.32
CA VAL A 151 -27.34 -25.15 10.95
C VAL A 151 -28.76 -25.13 11.53
N ILE A 152 -29.12 -24.08 12.31
CA ILE A 152 -30.46 -23.90 12.88
C ILE A 152 -31.54 -23.97 11.79
N GLN A 153 -31.34 -23.27 10.67
CA GLN A 153 -32.29 -23.25 9.56
C GLN A 153 -32.36 -24.57 8.78
N LEU A 154 -31.24 -25.30 8.64
CA LEU A 154 -31.25 -26.57 7.92
C LEU A 154 -31.89 -27.66 8.77
N ILE A 155 -31.61 -27.67 10.09
CA ILE A 155 -32.19 -28.64 11.02
C ILE A 155 -33.71 -28.44 11.11
N SER A 156 -34.15 -27.17 11.32
CA SER A 156 -35.57 -26.83 11.42
C SER A 156 -36.38 -27.25 10.20
N THR A 157 -35.81 -27.01 9.01
CA THR A 157 -36.47 -27.35 7.76
C THR A 157 -36.71 -28.86 7.65
N ILE A 158 -35.67 -29.69 7.86
CA ILE A 158 -35.79 -31.16 7.80
C ILE A 158 -36.78 -31.68 8.86
N VAL A 159 -36.67 -31.18 10.10
CA VAL A 159 -37.55 -31.57 11.22
C VAL A 159 -39.05 -31.36 10.93
N VAL A 160 -39.47 -30.14 10.51
CA VAL A 160 -40.88 -29.87 10.25
C VAL A 160 -41.40 -30.55 8.96
N VAL A 161 -40.54 -30.75 7.94
CA VAL A 161 -40.96 -31.46 6.74
C VAL A 161 -41.09 -32.97 7.02
N LEU A 162 -40.29 -33.51 7.96
CA LEU A 162 -40.43 -34.90 8.41
C LEU A 162 -41.72 -35.05 9.23
N SER A 163 -42.09 -33.99 10.01
CA SER A 163 -43.31 -33.93 10.84
C SER A 163 -44.57 -34.03 9.99
N THR A 164 -44.56 -33.40 8.80
CA THR A 164 -45.69 -33.47 7.86
C THR A 164 -45.75 -34.80 7.09
N LYS A 165 -44.86 -35.76 7.41
CA LYS A 165 -44.72 -37.10 6.82
C LYS A 165 -44.37 -37.06 5.32
N ASP A 166 -43.84 -35.92 4.83
CA ASP A 166 -43.42 -35.77 3.44
C ASP A 166 -41.99 -36.29 3.36
N TRP A 167 -41.83 -37.59 3.07
CA TRP A 167 -40.51 -38.21 3.01
C TRP A 167 -39.74 -37.83 1.75
N PHE A 168 -40.44 -37.47 0.66
CA PHE A 168 -39.78 -37.08 -0.57
C PHE A 168 -39.11 -35.71 -0.43
N SER A 169 -39.85 -34.69 0.04
CA SER A 169 -39.29 -33.35 0.21
C SER A 169 -38.15 -33.37 1.23
N ALA A 170 -38.40 -33.90 2.45
CA ALA A 170 -37.39 -34.00 3.51
C ALA A 170 -36.15 -34.81 3.09
N GLY A 171 -36.37 -35.82 2.25
CA GLY A 171 -35.32 -36.68 1.74
C GLY A 171 -34.46 -35.97 0.71
N VAL A 172 -35.09 -35.30 -0.28
CA VAL A 172 -34.40 -34.57 -1.33
C VAL A 172 -33.68 -33.34 -0.75
N PHE A 173 -34.29 -32.68 0.25
CA PHE A 173 -33.66 -31.54 0.90
C PHE A 173 -32.39 -31.98 1.63
N PHE A 174 -32.45 -33.13 2.31
CA PHE A 174 -31.29 -33.71 2.97
C PHE A 174 -30.26 -34.14 1.92
N LEU A 175 -30.72 -34.71 0.80
CA LEU A 175 -29.87 -35.13 -0.29
C LEU A 175 -29.11 -33.95 -0.89
N TYR A 176 -29.77 -32.78 -1.04
CA TYR A 176 -29.12 -31.58 -1.58
C TYR A 176 -27.97 -31.13 -0.68
N ILE A 177 -28.20 -31.00 0.64
CA ILE A 177 -27.17 -30.58 1.59
C ILE A 177 -25.98 -31.55 1.58
N LEU A 178 -26.28 -32.87 1.53
CA LEU A 178 -25.28 -33.92 1.48
C LEU A 178 -24.41 -33.84 0.22
N VAL A 179 -25.02 -33.60 -0.95
CA VAL A 179 -24.28 -33.47 -2.22
C VAL A 179 -23.51 -32.14 -2.24
N PHE A 180 -24.14 -31.05 -1.77
CA PHE A 180 -23.54 -29.71 -1.69
C PHE A 180 -22.24 -29.75 -0.89
N VAL A 181 -22.31 -30.20 0.39
CA VAL A 181 -21.14 -30.26 1.26
C VAL A 181 -20.02 -31.11 0.64
N ILE A 182 -20.34 -32.27 0.08
CA ILE A 182 -19.35 -33.16 -0.55
C ILE A 182 -18.70 -32.51 -1.79
N PHE A 183 -19.49 -31.99 -2.74
CA PHE A 183 -18.99 -31.39 -3.98
C PHE A 183 -18.16 -30.13 -3.74
N ASN A 184 -18.64 -29.22 -2.89
CA ASN A 184 -17.95 -27.97 -2.64
C ASN A 184 -16.65 -28.15 -1.87
N THR A 185 -16.60 -29.04 -0.85
CA THR A 185 -15.36 -29.33 -0.13
C THR A 185 -14.32 -30.06 -1.01
N ARG A 186 -14.79 -30.78 -2.03
CA ARG A 186 -13.91 -31.44 -2.99
C ARG A 186 -13.25 -30.45 -3.97
N LEU A 187 -13.77 -29.21 -4.08
CA LEU A 187 -13.19 -28.18 -4.94
C LEU A 187 -12.64 -26.98 -4.15
N THR A 188 -12.92 -26.87 -2.84
CA THR A 188 -12.47 -25.73 -2.04
C THR A 188 -10.94 -25.63 -1.96
N GLY A 189 -10.24 -26.77 -2.06
CA GLY A 189 -8.80 -26.79 -2.04
C GLY A 189 -8.17 -26.13 -3.25
N SER A 190 -8.82 -26.30 -4.43
CA SER A 190 -8.36 -25.71 -5.68
C SER A 190 -8.57 -24.19 -5.68
N LEU A 191 -9.69 -23.73 -5.09
CA LEU A 191 -10.01 -22.31 -4.98
C LEU A 191 -9.02 -21.57 -4.08
N ALA A 192 -8.67 -22.18 -2.94
CA ALA A 192 -7.73 -21.62 -1.96
C ALA A 192 -6.32 -21.45 -2.54
N SER A 193 -5.86 -22.44 -3.33
CA SER A 193 -4.54 -22.42 -3.97
C SER A 193 -4.46 -21.33 -5.03
N LEU A 194 -5.50 -21.22 -5.87
CA LEU A 194 -5.58 -20.23 -6.94
C LEU A 194 -5.66 -18.80 -6.39
N ARG A 195 -6.34 -18.62 -5.25
CA ARG A 195 -6.50 -17.31 -4.62
C ARG A 195 -5.21 -16.89 -3.92
N LYS A 196 -4.54 -17.84 -3.24
CA LYS A 196 -3.28 -17.57 -2.55
C LYS A 196 -2.19 -17.20 -3.56
N HIS A 197 -2.15 -17.94 -4.68
CA HIS A 197 -1.20 -17.68 -5.76
C HIS A 197 -1.47 -16.32 -6.43
N SER A 198 -2.73 -15.89 -6.48
CA SER A 198 -3.11 -14.60 -7.04
C SER A 198 -2.72 -13.48 -6.07
N MET A 199 -2.95 -13.67 -4.77
CA MET A 199 -2.64 -12.67 -3.75
C MET A 199 -1.14 -12.43 -3.63
N ASP A 200 -0.32 -13.45 -3.88
CA ASP A 200 1.13 -13.33 -3.83
C ASP A 200 1.64 -12.54 -5.02
N ILE A 201 1.07 -12.77 -6.22
CA ILE A 201 1.40 -11.99 -7.41
C ILE A 201 0.98 -10.52 -7.23
N THR A 202 -0.13 -10.29 -6.51
CA THR A 202 -0.63 -8.97 -6.17
C THR A 202 0.39 -8.24 -5.29
N LEU A 203 0.97 -8.93 -4.29
CA LEU A 203 2.03 -8.37 -3.43
C LEU A 203 3.25 -8.01 -4.28
N ASN A 204 3.61 -8.88 -5.22
CA ASN A 204 4.74 -8.67 -6.12
C ASN A 204 4.51 -7.45 -7.02
N SER A 205 3.26 -7.19 -7.42
CA SER A 205 2.91 -6.00 -8.22
C SER A 205 3.03 -4.72 -7.41
N TYR A 206 2.70 -4.78 -6.10
CA TYR A 206 2.79 -3.63 -5.20
C TYR A 206 4.25 -3.28 -4.90
N SER A 207 5.12 -4.30 -4.77
CA SER A 207 6.55 -4.09 -4.55
C SER A 207 7.20 -3.42 -5.76
N LEU A 208 6.75 -3.81 -6.97
CA LEU A 208 7.24 -3.26 -8.23
C LEU A 208 6.78 -1.83 -8.43
N LEU A 209 5.57 -1.48 -7.98
CA LEU A 209 5.06 -0.11 -8.06
C LEU A 209 5.83 0.76 -7.04
N SER A 210 5.99 0.24 -5.82
CA SER A 210 6.69 0.93 -4.75
C SER A 210 8.14 1.22 -5.14
N ASP A 211 8.79 0.23 -5.80
CA ASP A 211 10.16 0.33 -6.29
C ASP A 211 10.31 1.38 -7.39
N THR A 212 9.34 1.47 -8.33
CA THR A 212 9.39 2.47 -9.40
C THR A 212 9.18 3.89 -8.85
N VAL A 213 8.27 4.09 -7.89
CA VAL A 213 8.02 5.40 -7.26
C VAL A 213 9.21 5.88 -6.42
N ASP A 214 9.89 4.98 -5.68
CA ASP A 214 11.05 5.35 -4.88
C ASP A 214 12.24 5.78 -5.77
N ASN A 215 12.39 5.16 -6.96
CA ASN A 215 13.43 5.53 -7.91
C ASN A 215 12.85 6.23 -9.14
N MET A 216 11.79 7.02 -8.95
CA MET A 216 11.11 7.75 -10.02
C MET A 216 11.98 8.87 -10.59
N ILE A 217 12.80 9.52 -9.75
CA ILE A 217 13.68 10.61 -10.19
C ILE A 217 14.70 10.08 -11.20
N ALA A 218 15.27 8.88 -10.95
CA ALA A 218 16.22 8.21 -11.82
C ALA A 218 15.57 7.78 -13.12
N ALA A 219 14.33 7.29 -13.05
CA ALA A 219 13.57 6.88 -14.22
C ALA A 219 13.23 8.08 -15.11
N LYS A 220 12.82 9.21 -14.49
CA LYS A 220 12.48 10.45 -15.17
C LYS A 220 13.67 11.07 -15.91
N LYS A 221 14.85 11.17 -15.25
CA LYS A 221 16.04 11.80 -15.83
C LYS A 221 16.71 10.92 -16.91
N ASN A 222 16.54 9.60 -16.83
CA ASN A 222 17.02 8.70 -17.87
C ASN A 222 15.94 8.37 -18.91
N ASN A 223 14.74 9.00 -18.79
CA ASN A 223 13.55 8.73 -19.60
C ASN A 223 13.17 7.25 -19.47
N ALA A 224 13.08 6.49 -20.59
CA ALA A 224 12.75 5.07 -20.56
C ALA A 224 11.45 4.79 -19.80
N LEU A 225 10.43 5.68 -19.94
CA LEU A 225 9.08 5.43 -19.44
C LEU A 225 8.58 4.08 -19.97
N ARG A 226 8.99 3.73 -21.20
CA ARG A 226 8.75 2.45 -21.85
C ARG A 226 9.27 1.29 -21.00
N LEU A 227 10.52 1.36 -20.54
CA LEU A 227 11.13 0.30 -19.72
C LEU A 227 10.44 0.11 -18.36
N ILE A 228 10.19 1.21 -17.62
CA ILE A 228 9.58 1.17 -16.30
C ILE A 228 8.11 0.73 -16.36
N SER A 229 7.37 1.19 -17.40
CA SER A 229 5.97 0.85 -17.60
C SER A 229 5.80 -0.58 -18.11
N GLU A 230 6.73 -1.08 -18.96
CA GLU A 230 6.66 -2.45 -19.45
C GLU A 230 6.86 -3.46 -18.32
N ARG A 231 7.73 -3.13 -17.35
CA ARG A 231 7.98 -3.97 -16.19
C ARG A 231 6.71 -4.10 -15.34
N TYR A 232 5.99 -2.97 -15.18
CA TYR A 232 4.75 -2.91 -14.42
C TYR A 232 3.59 -3.57 -15.17
N GLU A 233 3.56 -3.40 -16.51
CA GLU A 233 2.55 -3.99 -17.39
C GLU A 233 2.66 -5.52 -17.36
N ASP A 234 3.88 -6.06 -17.33
CA ASP A 234 4.10 -7.50 -17.26
C ASP A 234 3.69 -8.06 -15.89
N ALA A 235 3.84 -7.25 -14.83
CA ALA A 235 3.43 -7.62 -13.48
C ALA A 235 1.91 -7.64 -13.36
N LEU A 236 1.24 -6.67 -14.01
CA LEU A 236 -0.22 -6.56 -14.03
C LEU A 236 -0.85 -7.66 -14.89
N THR A 237 -0.15 -8.10 -15.96
CA THR A 237 -0.61 -9.18 -16.83
C THR A 237 -0.52 -10.51 -16.08
N GLN A 238 0.54 -10.71 -15.28
CA GLN A 238 0.67 -11.90 -14.43
C GLN A 238 -0.43 -11.91 -13.37
N GLU A 239 -0.82 -10.72 -12.87
CA GLU A 239 -1.85 -10.50 -11.86
C GLU A 239 -3.22 -10.81 -12.46
N ASN A 240 -3.48 -10.35 -13.69
CA ASN A 240 -4.75 -10.56 -14.39
C ASN A 240 -4.96 -12.02 -14.74
N ASN A 241 -3.93 -12.70 -15.24
CA ASN A 241 -4.02 -14.10 -15.60
C ASN A 241 -4.33 -14.99 -14.39
N ALA A 242 -3.69 -14.69 -13.23
CA ALA A 242 -3.93 -15.42 -11.98
C ALA A 242 -5.34 -15.18 -11.42
N GLN A 243 -5.88 -13.96 -11.64
CA GLN A 243 -7.21 -13.55 -11.22
C GLN A 243 -8.28 -14.19 -12.10
N LYS A 244 -8.03 -14.24 -13.42
CA LYS A 244 -8.94 -14.85 -14.39
C LYS A 244 -9.05 -16.37 -14.17
N LYS A 245 -7.96 -17.00 -13.70
CA LYS A 245 -7.94 -18.43 -13.40
C LYS A 245 -8.87 -18.75 -12.23
N TYR A 246 -8.85 -17.90 -11.18
CA TYR A 246 -9.72 -18.05 -10.01
C TYR A 246 -11.17 -17.72 -10.37
N TRP A 247 -11.36 -16.65 -11.16
CA TRP A 247 -12.67 -16.18 -11.59
C TRP A 247 -13.42 -17.28 -12.36
N LEU A 248 -12.72 -17.93 -13.31
CA LEU A 248 -13.27 -18.98 -14.14
C LEU A 248 -13.69 -20.20 -13.32
N LEU A 249 -12.91 -20.60 -12.30
CA LEU A 249 -13.25 -21.75 -11.48
C LEU A 249 -14.40 -21.44 -10.53
N SER A 250 -14.38 -20.28 -9.86
CA SER A 250 -15.41 -19.88 -8.90
C SER A 250 -16.78 -19.69 -9.57
N SER A 251 -16.78 -19.14 -10.80
CA SER A 251 -18.01 -18.97 -11.57
C SER A 251 -18.56 -20.32 -12.08
N LYS A 252 -17.66 -21.28 -12.36
CA LYS A 252 -18.04 -22.64 -12.76
C LYS A 252 -18.69 -23.36 -11.58
N VAL A 253 -18.15 -23.16 -10.36
CA VAL A 253 -18.69 -23.74 -9.12
C VAL A 253 -20.08 -23.14 -8.85
N LEU A 254 -20.22 -21.81 -8.96
CA LEU A 254 -21.48 -21.12 -8.76
C LEU A 254 -22.55 -21.60 -9.73
N LEU A 255 -22.19 -21.84 -11.00
CA LEU A 255 -23.15 -22.31 -12.00
C LEU A 255 -23.54 -23.77 -11.79
N LEU A 256 -22.59 -24.63 -11.39
CA LEU A 256 -22.87 -26.05 -11.12
C LEU A 256 -23.72 -26.21 -9.85
N ASN A 257 -23.48 -25.37 -8.85
CA ASN A 257 -24.26 -25.36 -7.61
C ASN A 257 -25.68 -24.85 -7.86
N SER A 258 -25.83 -23.88 -8.78
CA SER A 258 -27.12 -23.31 -9.17
C SER A 258 -27.92 -24.32 -10.00
N LEU A 259 -27.24 -25.04 -10.91
CA LEU A 259 -27.88 -26.05 -11.76
C LEU A 259 -28.33 -27.26 -10.93
N LEU A 260 -27.56 -27.63 -9.90
CA LEU A 260 -27.94 -28.73 -9.01
C LEU A 260 -29.18 -28.34 -8.20
N ALA A 261 -29.30 -27.06 -7.81
CA ALA A 261 -30.44 -26.54 -7.05
C ALA A 261 -31.73 -26.55 -7.88
N VAL A 262 -31.66 -26.16 -9.17
CA VAL A 262 -32.86 -26.15 -10.02
C VAL A 262 -33.31 -27.58 -10.39
N ILE A 263 -32.43 -28.58 -10.29
CA ILE A 263 -32.80 -29.97 -10.59
C ILE A 263 -33.41 -30.62 -9.35
N LEU A 264 -32.72 -30.57 -8.20
CA LEU A 264 -33.23 -31.20 -6.98
C LEU A 264 -34.42 -30.46 -6.36
N PHE A 265 -34.32 -29.13 -6.14
CA PHE A 265 -35.44 -28.36 -5.60
C PHE A 265 -36.60 -28.22 -6.60
N GLY A 266 -36.30 -28.32 -7.90
CA GLY A 266 -37.30 -28.31 -8.96
C GLY A 266 -38.10 -29.61 -8.98
N SER A 267 -37.47 -30.73 -8.60
CA SER A 267 -38.10 -32.04 -8.48
C SER A 267 -39.10 -32.06 -7.33
N VAL A 268 -38.75 -31.40 -6.21
CA VAL A 268 -39.63 -31.26 -5.05
C VAL A 268 -40.86 -30.39 -5.41
N PHE A 269 -40.64 -29.34 -6.21
CA PHE A 269 -41.68 -28.40 -6.66
C PHE A 269 -42.68 -29.10 -7.58
N ILE A 270 -42.21 -29.89 -8.56
CA ILE A 270 -43.09 -30.62 -9.49
C ILE A 270 -43.85 -31.75 -8.77
N TYR A 271 -43.21 -32.42 -7.78
CA TYR A 271 -43.83 -33.49 -7.00
C TYR A 271 -45.02 -32.95 -6.21
N ASN A 272 -44.88 -31.77 -5.61
CA ASN A 272 -45.97 -31.15 -4.86
C ASN A 272 -47.04 -30.54 -5.79
N ILE A 273 -46.66 -30.16 -7.02
CA ILE A 273 -47.57 -29.65 -8.04
C ILE A 273 -48.47 -30.78 -8.52
N LEU A 274 -47.88 -31.93 -8.82
CA LEU A 274 -48.65 -33.11 -9.22
C LEU A 274 -49.49 -33.64 -8.05
N GLY A 275 -48.97 -33.50 -6.84
CA GLY A 275 -49.67 -33.85 -5.61
C GLY A 275 -50.90 -33.00 -5.38
N VAL A 276 -50.82 -31.69 -5.68
CA VAL A 276 -51.96 -30.80 -5.54
C VAL A 276 -53.01 -31.02 -6.64
N LEU A 277 -52.57 -31.35 -7.86
CA LEU A 277 -53.46 -31.61 -8.99
C LEU A 277 -54.24 -32.94 -8.80
N ASN A 278 -53.54 -34.01 -8.41
CA ASN A 278 -54.15 -35.32 -8.16
C ASN A 278 -54.93 -35.39 -6.85
N GLY A 279 -54.77 -34.41 -5.96
CA GLY A 279 -55.50 -34.33 -4.71
C GLY A 279 -54.84 -35.05 -3.53
N VAL A 280 -53.57 -35.48 -3.68
CA VAL A 280 -52.83 -36.17 -2.62
C VAL A 280 -52.17 -35.18 -1.62
N VAL A 281 -51.89 -33.93 -2.06
CA VAL A 281 -51.22 -32.89 -1.28
C VAL A 281 -52.13 -31.65 -1.17
N SER A 282 -52.19 -31.02 0.03
CA SER A 282 -52.97 -29.81 0.27
C SER A 282 -52.26 -28.55 -0.24
N ILE A 283 -53.01 -27.46 -0.47
CA ILE A 283 -52.41 -26.19 -0.94
C ILE A 283 -51.52 -25.59 0.17
N GLY A 284 -51.98 -25.68 1.43
CA GLY A 284 -51.23 -25.22 2.58
C GLY A 284 -49.87 -25.88 2.69
N HIS A 285 -49.82 -27.20 2.41
CA HIS A 285 -48.57 -27.97 2.43
C HIS A 285 -47.71 -27.61 1.23
N PHE A 286 -48.33 -27.41 0.05
CA PHE A 286 -47.62 -27.02 -1.17
C PHE A 286 -46.92 -25.67 -0.99
N ILE A 287 -47.62 -24.68 -0.43
CA ILE A 287 -47.05 -23.34 -0.17
C ILE A 287 -45.95 -23.43 0.90
N MET A 288 -46.12 -24.30 1.91
CA MET A 288 -45.11 -24.50 2.95
C MET A 288 -43.80 -25.05 2.35
N ILE A 289 -43.93 -25.99 1.40
CA ILE A 289 -42.80 -26.58 0.70
C ILE A 289 -42.12 -25.56 -0.20
N THR A 290 -42.86 -24.80 -1.02
CA THR A 290 -42.26 -23.80 -1.90
C THR A 290 -41.57 -22.71 -1.09
N SER A 291 -42.21 -22.26 0.01
CA SER A 291 -41.59 -21.26 0.87
C SER A 291 -40.33 -21.78 1.55
N TYR A 292 -40.23 -23.09 1.79
CA TYR A 292 -39.01 -23.69 2.35
C TYR A 292 -37.91 -23.73 1.31
N ILE A 293 -38.25 -23.97 0.03
CA ILE A 293 -37.30 -23.96 -1.09
C ILE A 293 -36.65 -22.57 -1.21
N ILE A 294 -37.46 -21.50 -1.10
CA ILE A 294 -36.98 -20.12 -1.16
C ILE A 294 -36.17 -19.79 0.11
N LEU A 295 -36.66 -20.16 1.30
CA LEU A 295 -36.00 -19.92 2.58
C LEU A 295 -34.59 -20.55 2.62
N LEU A 296 -34.49 -21.80 2.14
CA LEU A 296 -33.25 -22.60 2.12
C LEU A 296 -32.12 -22.00 1.30
N SER A 297 -32.39 -21.14 0.32
CA SER A 297 -31.34 -20.52 -0.49
C SER A 297 -30.34 -19.71 0.34
N THR A 298 -30.81 -18.88 1.28
CA THR A 298 -29.94 -18.07 2.14
C THR A 298 -28.99 -18.90 3.00
N PRO A 299 -29.45 -19.92 3.77
CA PRO A 299 -28.52 -20.74 4.55
C PRO A 299 -27.53 -21.52 3.68
N VAL A 300 -27.97 -22.02 2.50
CA VAL A 300 -27.13 -22.77 1.57
C VAL A 300 -26.00 -21.87 1.05
N GLU A 301 -26.33 -20.58 0.76
CA GLU A 301 -25.36 -19.57 0.35
C GLU A 301 -24.32 -19.30 1.45
N ASN A 302 -24.76 -19.31 2.72
CA ASN A 302 -23.91 -19.11 3.89
C ASN A 302 -23.00 -20.30 4.14
N ILE A 303 -23.47 -21.53 3.85
CA ILE A 303 -22.65 -22.74 4.00
C ILE A 303 -21.59 -22.76 2.89
N GLY A 304 -21.99 -22.39 1.67
CA GLY A 304 -21.10 -22.30 0.52
C GLY A 304 -19.98 -21.29 0.74
N ALA A 305 -20.31 -20.18 1.43
CA ALA A 305 -19.32 -19.16 1.77
C ALA A 305 -18.49 -19.65 2.94
N LEU A 306 -19.10 -20.29 3.94
CA LEU A 306 -18.36 -20.77 5.12
C LEU A 306 -17.26 -21.74 4.73
N LEU A 307 -17.56 -22.71 3.87
CA LEU A 307 -16.58 -23.71 3.45
C LEU A 307 -15.45 -23.07 2.64
N SER A 308 -15.77 -22.20 1.69
CA SER A 308 -14.77 -21.57 0.83
C SER A 308 -13.93 -20.51 1.55
N GLU A 309 -14.57 -19.59 2.27
CA GLU A 309 -13.85 -18.48 2.88
C GLU A 309 -12.95 -18.94 4.05
N ILE A 310 -13.30 -20.00 4.76
CA ILE A 310 -12.45 -20.52 5.83
C ILE A 310 -11.22 -21.19 5.21
N ARG A 311 -11.41 -22.00 4.15
CA ARG A 311 -10.28 -22.64 3.49
C ARG A 311 -9.42 -21.65 2.70
N GLN A 312 -10.02 -20.56 2.14
CA GLN A 312 -9.29 -19.54 1.40
C GLN A 312 -8.51 -18.59 2.32
N SER A 313 -9.19 -18.03 3.34
CA SER A 313 -8.59 -17.11 4.28
C SER A 313 -7.63 -17.79 5.26
N MET A 314 -7.87 -19.07 5.59
CA MET A 314 -6.96 -19.80 6.46
C MET A 314 -5.65 -20.12 5.73
N SER A 315 -5.73 -20.41 4.42
CA SER A 315 -4.57 -20.70 3.59
C SER A 315 -3.69 -19.46 3.38
N SER A 316 -4.32 -18.31 3.08
CA SER A 316 -3.60 -17.06 2.84
C SER A 316 -3.06 -16.44 4.14
N LEU A 317 -3.77 -16.65 5.26
CA LEU A 317 -3.30 -16.13 6.54
C LEU A 317 -2.22 -17.04 7.15
N ALA A 318 -2.17 -18.33 6.76
CA ALA A 318 -1.13 -19.26 7.20
C ALA A 318 0.23 -18.84 6.64
N GLY A 319 0.23 -18.41 5.36
CA GLY A 319 1.43 -17.91 4.69
C GLY A 319 1.98 -16.66 5.33
N PHE A 320 1.10 -15.75 5.75
CA PHE A 320 1.47 -14.50 6.42
C PHE A 320 2.14 -14.75 7.78
N ILE A 321 1.55 -15.64 8.60
CA ILE A 321 2.08 -16.01 9.92
C ILE A 321 3.45 -16.70 9.77
N GLN A 322 3.59 -17.58 8.75
CA GLN A 322 4.84 -18.30 8.47
C GLN A 322 6.00 -17.36 8.09
N ARG A 323 5.78 -16.43 7.14
CA ARG A 323 6.68 -15.34 6.80
C ARG A 323 7.22 -14.53 7.99
N HIS A 324 6.35 -14.19 8.94
CA HIS A 324 6.72 -13.52 10.17
C HIS A 324 7.61 -14.35 11.11
N ALA A 325 7.26 -15.63 11.31
CA ALA A 325 8.08 -16.54 12.09
C ALA A 325 9.44 -16.80 11.42
N LYS A 342 35.12 0.30 28.77
CA LYS A 342 36.46 -0.20 28.36
C LYS A 342 36.31 -1.56 27.67
N LEU A 343 36.09 -1.56 26.36
CA LEU A 343 35.88 -2.84 25.62
C LEU A 343 37.06 -3.08 24.67
N ASN A 344 37.76 -4.21 24.84
CA ASN A 344 38.87 -4.55 23.93
C ASN A 344 38.36 -5.56 22.89
N LEU A 345 38.23 -5.15 21.64
CA LEU A 345 37.67 -6.03 20.62
C LEU A 345 38.71 -7.04 20.15
N SER A 346 38.39 -8.34 20.26
CA SER A 346 39.31 -9.40 19.86
C SER A 346 38.64 -10.33 18.84
N ILE A 347 38.91 -10.12 17.55
CA ILE A 347 38.34 -10.93 16.48
C ILE A 347 39.36 -12.01 16.10
N ARG A 348 38.98 -13.29 16.25
CA ARG A 348 39.85 -14.43 16.00
C ARG A 348 39.31 -15.33 14.88
N GLU A 349 40.03 -15.39 13.75
CA GLU A 349 39.75 -16.21 12.56
C GLU A 349 38.32 -16.05 12.03
N LEU A 350 37.86 -14.81 11.89
CA LEU A 350 36.52 -14.49 11.41
C LEU A 350 36.39 -14.75 9.89
N SER A 351 35.42 -15.60 9.55
CA SER A 351 35.13 -15.97 8.19
C SER A 351 33.62 -15.78 7.95
N PHE A 352 33.24 -15.17 6.82
CA PHE A 352 31.84 -14.90 6.53
C PHE A 352 31.53 -14.97 5.03
N SER A 353 30.30 -15.42 4.73
CA SER A 353 29.75 -15.50 3.40
C SER A 353 28.29 -15.08 3.44
N TYR A 354 27.83 -14.30 2.46
CA TYR A 354 26.42 -13.91 2.36
C TYR A 354 25.60 -15.08 1.79
N SER A 355 26.11 -15.70 0.71
CA SER A 355 25.68 -16.95 0.11
C SER A 355 26.87 -17.93 0.12
N ASP A 356 26.62 -19.23 0.25
CA ASP A 356 27.68 -20.25 0.30
C ASP A 356 28.63 -20.23 -0.91
N ASP A 357 28.12 -19.79 -2.08
CA ASP A 357 28.87 -19.68 -3.33
C ASP A 357 30.17 -18.89 -3.22
N LYS A 358 30.16 -17.74 -2.51
CA LYS A 358 31.27 -16.79 -2.53
C LYS A 358 31.66 -16.32 -1.12
N LYS A 359 32.98 -16.27 -0.84
CA LYS A 359 33.58 -15.97 0.46
C LYS A 359 33.88 -14.48 0.51
N ILE A 360 33.36 -13.77 1.52
CA ILE A 360 33.58 -12.34 1.68
C ILE A 360 34.73 -12.05 2.63
N LEU A 361 34.76 -12.72 3.80
CA LEU A 361 35.82 -12.52 4.79
C LEU A 361 36.43 -13.87 5.13
N ASN A 362 37.77 -13.99 5.09
CA ASN A 362 38.43 -15.26 5.37
C ASN A 362 39.50 -15.11 6.43
N SER A 363 39.35 -15.80 7.57
CA SER A 363 40.32 -15.84 8.66
C SER A 363 40.87 -14.47 9.08
N VAL A 364 40.01 -13.44 9.19
CA VAL A 364 40.48 -12.12 9.59
C VAL A 364 40.71 -12.10 11.10
N SER A 365 41.98 -11.89 11.50
CA SER A 365 42.36 -11.84 12.91
C SER A 365 42.77 -10.41 13.28
N LEU A 366 42.11 -9.84 14.29
CA LEU A 366 42.34 -8.49 14.77
C LEU A 366 42.39 -8.47 16.30
N ASP A 367 43.07 -7.46 16.85
CA ASP A 367 43.12 -7.23 18.29
C ASP A 367 43.18 -5.73 18.50
N LEU A 368 42.01 -5.15 18.83
CA LEU A 368 41.83 -3.73 19.03
C LEU A 368 41.64 -3.44 20.52
N PHE A 369 42.13 -2.28 20.99
CA PHE A 369 42.08 -1.95 22.42
C PHE A 369 41.37 -0.62 22.68
N THR A 370 40.80 -0.49 23.89
CA THR A 370 40.04 0.68 24.34
C THR A 370 40.86 1.98 24.32
N GLY A 371 40.15 3.09 24.03
CA GLY A 371 40.75 4.42 23.98
C GLY A 371 41.58 4.72 22.74
N LYS A 372 41.77 3.73 21.85
CA LYS A 372 42.61 3.90 20.66
C LYS A 372 41.75 4.00 19.39
N MET A 373 42.16 4.89 18.46
CA MET A 373 41.47 5.08 17.19
C MET A 373 42.16 4.27 16.09
N TYR A 374 41.44 3.32 15.50
CA TYR A 374 41.96 2.46 14.43
C TYR A 374 41.32 2.82 13.09
N SER A 375 42.05 2.60 11.99
CA SER A 375 41.57 2.85 10.63
C SER A 375 41.51 1.55 9.83
N LEU A 376 40.56 1.46 8.89
CA LEU A 376 40.39 0.29 8.04
C LEU A 376 40.12 0.76 6.62
N THR A 377 40.89 0.24 5.64
CA THR A 377 40.76 0.62 4.24
C THR A 377 40.94 -0.58 3.31
N GLY A 378 40.64 -0.40 2.03
CA GLY A 378 40.81 -1.39 0.98
C GLY A 378 39.85 -1.10 -0.16
N PRO A 379 39.87 -1.93 -1.22
CA PRO A 379 38.94 -1.70 -2.33
C PRO A 379 37.47 -1.94 -1.96
N SER A 380 36.52 -1.74 -2.89
CA SER A 380 35.09 -1.86 -2.59
C SER A 380 34.62 -3.29 -2.32
N GLY A 381 35.32 -4.29 -2.89
CA GLY A 381 34.94 -5.67 -2.73
C GLY A 381 35.61 -6.39 -1.55
N SER A 382 36.51 -5.71 -0.83
CA SER A 382 37.25 -6.29 0.28
C SER A 382 36.37 -6.69 1.47
N GLY A 383 35.39 -5.86 1.80
CA GLY A 383 34.45 -6.18 2.87
C GLY A 383 34.70 -5.50 4.20
N LYS A 384 34.88 -4.16 4.16
CA LYS A 384 35.06 -3.35 5.35
C LYS A 384 33.72 -3.25 6.08
N SER A 385 32.65 -2.91 5.34
CA SER A 385 31.30 -2.77 5.87
C SER A 385 30.75 -4.09 6.41
N THR A 386 30.99 -5.22 5.70
CA THR A 386 30.57 -6.54 6.15
C THR A 386 31.17 -6.87 7.52
N LEU A 387 32.49 -6.72 7.65
CA LEU A 387 33.26 -6.98 8.87
C LEU A 387 32.70 -6.20 10.04
N VAL A 388 32.44 -4.90 9.82
CA VAL A 388 31.93 -4.03 10.87
C VAL A 388 30.46 -4.29 11.18
N LYS A 389 29.67 -4.77 10.19
CA LYS A 389 28.27 -5.17 10.38
C LYS A 389 28.20 -6.40 11.28
N ILE A 390 29.16 -7.32 11.16
CA ILE A 390 29.25 -8.53 11.99
C ILE A 390 29.59 -8.14 13.44
N ILE A 391 30.47 -7.15 13.65
CA ILE A 391 30.80 -6.61 14.98
C ILE A 391 29.56 -5.95 15.59
N SER A 392 28.78 -5.24 14.74
CA SER A 392 27.52 -4.58 15.11
C SER A 392 26.38 -5.57 15.39
N GLY A 393 26.50 -6.82 14.90
CA GLY A 393 25.54 -7.89 15.10
C GLY A 393 24.46 -7.96 14.03
N TYR A 394 24.73 -7.45 12.81
CA TYR A 394 23.80 -7.47 11.69
C TYR A 394 23.56 -8.92 11.23
N TYR A 395 24.66 -9.68 11.13
CA TYR A 395 24.66 -11.07 10.66
C TYR A 395 25.31 -11.94 11.75
N LYS A 396 24.67 -13.08 12.08
CA LYS A 396 25.15 -13.98 13.13
C LYS A 396 25.68 -15.32 12.59
N ASN A 397 25.45 -15.65 11.31
CA ASN A 397 25.92 -16.91 10.74
C ASN A 397 27.37 -16.78 10.26
N TYR A 398 28.32 -16.78 11.19
CA TYR A 398 29.74 -16.65 10.85
C TYR A 398 30.59 -17.73 11.53
N PHE A 399 31.71 -18.11 10.87
CA PHE A 399 32.67 -19.05 11.43
C PHE A 399 33.80 -18.23 12.07
N GLY A 400 34.18 -18.60 13.30
CA GLY A 400 35.22 -17.88 14.04
C GLY A 400 34.67 -17.32 15.34
N ASP A 401 35.45 -16.46 16.02
CA ASP A 401 35.03 -15.92 17.32
C ASP A 401 35.33 -14.43 17.43
N ILE A 402 34.41 -13.67 18.05
CA ILE A 402 34.58 -12.25 18.31
C ILE A 402 34.32 -12.03 19.79
N TYR A 403 35.30 -11.48 20.53
CA TYR A 403 35.14 -11.28 21.97
C TYR A 403 35.14 -9.81 22.37
N LEU A 404 34.47 -9.54 23.50
CA LEU A 404 34.45 -8.23 24.14
C LEU A 404 34.83 -8.48 25.59
N ASN A 405 36.10 -8.21 25.96
CA ASN A 405 36.61 -8.44 27.32
C ASN A 405 36.46 -9.92 27.70
N ASP A 406 36.83 -10.81 26.76
CA ASP A 406 36.74 -12.26 26.89
C ASP A 406 35.29 -12.75 27.03
N ILE A 407 34.35 -12.12 26.30
CA ILE A 407 32.94 -12.47 26.23
C ILE A 407 32.54 -12.59 24.76
N SER A 408 32.04 -13.76 24.32
CA SER A 408 31.69 -14.00 22.93
C SER A 408 30.46 -13.18 22.51
N LEU A 409 30.47 -12.72 21.25
CA LEU A 409 29.37 -11.97 20.63
C LEU A 409 28.07 -12.80 20.62
N ARG A 410 28.20 -14.12 20.42
CA ARG A 410 27.11 -15.09 20.40
C ARG A 410 26.39 -15.12 21.76
N ASN A 411 27.14 -14.92 22.86
CA ASN A 411 26.62 -14.88 24.23
C ASN A 411 26.14 -13.49 24.67
N ILE A 412 26.20 -12.48 23.79
CA ILE A 412 25.75 -11.12 24.07
C ILE A 412 24.40 -10.89 23.38
N SER A 413 23.42 -10.33 24.11
CA SER A 413 22.10 -10.03 23.55
C SER A 413 22.16 -8.86 22.58
N ASP A 414 21.20 -8.77 21.65
CA ASP A 414 21.16 -7.68 20.67
C ASP A 414 20.98 -6.31 21.33
N GLU A 415 20.26 -6.26 22.46
CA GLU A 415 20.05 -5.00 23.18
C GLU A 415 21.33 -4.51 23.88
N ASP A 416 22.11 -5.42 24.48
CA ASP A 416 23.36 -5.10 25.18
C ASP A 416 24.45 -4.66 24.19
N LEU A 417 24.50 -5.34 23.03
CA LEU A 417 25.44 -5.07 21.95
C LEU A 417 25.15 -3.71 21.32
N ASN A 418 23.88 -3.32 21.20
CA ASN A 418 23.47 -2.03 20.66
C ASN A 418 23.79 -0.87 21.61
N ASP A 419 23.93 -1.13 22.91
CA ASP A 419 24.28 -0.14 23.93
C ASP A 419 25.78 0.08 23.96
N ALA A 420 26.56 -1.01 23.91
CA ALA A 420 28.02 -1.01 23.94
C ALA A 420 28.63 -0.55 22.61
N ILE A 421 28.05 -0.96 21.47
CA ILE A 421 28.56 -0.60 20.15
C ILE A 421 27.59 0.31 19.39
N TYR A 422 28.08 1.46 18.89
CA TYR A 422 27.28 2.32 18.03
C TYR A 422 27.90 2.40 16.63
N TYR A 423 27.15 1.99 15.63
CA TYR A 423 27.61 1.90 14.25
C TYR A 423 26.96 3.00 13.39
N LEU A 424 27.80 3.93 12.91
CA LEU A 424 27.39 5.00 12.01
C LEU A 424 27.48 4.44 10.58
N THR A 425 26.33 4.06 10.02
CA THR A 425 26.18 3.43 8.70
C THR A 425 26.69 4.29 7.54
N GLN A 426 27.05 3.61 6.43
CA GLN A 426 27.51 4.23 5.20
C GLN A 426 26.39 5.06 4.57
N ASP A 427 25.16 4.52 4.58
CA ASP A 427 23.95 5.19 4.08
C ASP A 427 23.25 5.89 5.26
N ASP A 428 22.62 7.05 4.98
CA ASP A 428 21.87 7.76 6.01
C ASP A 428 20.41 7.29 6.09
N TYR A 429 19.91 7.08 7.32
CA TYR A 429 18.54 6.69 7.56
C TYR A 429 17.83 7.80 8.35
N ILE A 430 17.28 8.78 7.60
CA ILE A 430 16.54 9.91 8.17
C ILE A 430 15.03 9.59 8.16
N PHE A 431 14.37 9.77 9.31
CA PHE A 431 12.94 9.55 9.46
C PHE A 431 12.16 10.78 9.00
N MET A 432 11.03 10.57 8.30
CA MET A 432 10.16 11.64 7.84
C MET A 432 9.35 12.13 9.04
N ASP A 433 9.96 13.06 9.79
CA ASP A 433 9.42 13.65 11.03
C ASP A 433 10.26 14.89 11.39
N THR A 434 10.04 15.48 12.58
CA THR A 434 10.82 16.60 13.09
C THR A 434 12.27 16.18 13.38
N LEU A 435 13.19 17.17 13.43
CA LEU A 435 14.59 16.90 13.76
C LEU A 435 14.67 16.34 15.20
N ARG A 436 13.79 16.81 16.11
CA ARG A 436 13.69 16.32 17.48
C ARG A 436 13.43 14.82 17.51
N PHE A 437 12.50 14.32 16.65
CA PHE A 437 12.18 12.89 16.57
C PHE A 437 13.40 12.09 16.11
N ASN A 438 14.10 12.60 15.09
CA ASN A 438 15.29 11.97 14.54
C ASN A 438 16.41 11.84 15.58
N LEU A 439 16.53 12.82 16.49
CA LEU A 439 17.56 12.76 17.51
C LEU A 439 17.09 11.95 18.73
N ARG A 440 15.78 12.01 19.06
CA ARG A 440 15.19 11.23 20.16
C ARG A 440 15.17 9.72 19.91
N LEU A 441 15.49 9.30 18.67
CA LEU A 441 15.67 7.91 18.27
C LEU A 441 16.84 7.28 19.04
N ALA A 442 17.90 8.09 19.29
CA ALA A 442 19.10 7.72 20.02
C ALA A 442 18.88 7.60 21.54
N ASN A 443 18.03 8.50 22.09
CA ASN A 443 17.68 8.51 23.52
C ASN A 443 16.30 9.17 23.72
N TYR A 444 15.31 8.37 24.19
CA TYR A 444 13.92 8.81 24.41
C TYR A 444 13.78 9.86 25.53
N ASP A 445 14.51 9.69 26.65
CA ASP A 445 14.41 10.57 27.81
C ASP A 445 15.20 11.89 27.69
N ALA A 446 15.67 12.26 26.48
CA ALA A 446 16.47 13.45 26.26
C ALA A 446 15.65 14.75 26.42
N SER A 447 16.16 15.67 27.25
CA SER A 447 15.56 16.97 27.50
C SER A 447 15.80 17.88 26.29
N GLU A 448 14.88 18.83 26.02
CA GLU A 448 15.02 19.75 24.88
C GLU A 448 16.33 20.56 24.89
N ASN A 449 16.85 20.90 26.08
CA ASN A 449 18.13 21.60 26.20
C ASN A 449 19.31 20.69 25.89
N GLU A 450 19.20 19.40 26.28
CA GLU A 450 20.21 18.37 26.03
C GLU A 450 20.34 18.05 24.54
N ILE A 451 19.21 18.07 23.81
CA ILE A 451 19.19 17.80 22.37
C ILE A 451 19.86 18.94 21.58
N PHE A 452 19.69 20.20 22.02
CA PHE A 452 20.29 21.36 21.37
C PHE A 452 21.81 21.41 21.60
N LYS A 453 22.29 20.92 22.77
CA LYS A 453 23.72 20.82 23.07
C LYS A 453 24.42 19.88 22.08
N VAL A 454 23.71 18.81 21.69
CA VAL A 454 24.15 17.80 20.73
C VAL A 454 24.21 18.36 19.31
N LEU A 455 23.33 19.34 18.99
CA LEU A 455 23.32 19.99 17.67
C LEU A 455 24.59 20.79 17.44
N LYS A 456 25.13 21.43 18.48
CA LYS A 456 26.38 22.19 18.38
C LYS A 456 27.55 21.23 18.13
N LEU A 457 27.56 20.08 18.83
CA LEU A 457 28.55 19.02 18.71
C LEU A 457 28.58 18.40 17.30
N ALA A 458 27.43 18.39 16.63
CA ALA A 458 27.30 17.88 15.27
C ALA A 458 27.39 19.01 14.21
N ASN A 459 27.70 20.26 14.62
CA ASN A 459 27.81 21.46 13.78
C ASN A 459 26.52 21.76 13.00
N LEU A 460 25.38 21.34 13.54
CA LEU A 460 24.05 21.52 12.98
C LEU A 460 23.20 22.45 13.86
N SER A 461 23.85 23.37 14.61
CA SER A 461 23.20 24.33 15.49
C SER A 461 22.67 25.54 14.70
N VAL A 462 23.39 25.93 13.63
CA VAL A 462 23.03 27.05 12.76
C VAL A 462 23.17 26.59 11.30
N VAL A 463 22.15 26.89 10.47
CA VAL A 463 22.12 26.55 9.04
C VAL A 463 21.65 27.79 8.26
N ASN A 464 22.38 28.18 7.19
CA ASN A 464 22.07 29.33 6.33
C ASN A 464 22.00 30.67 7.09
N ASN A 465 22.90 30.86 8.08
CA ASN A 465 23.00 32.06 8.93
C ASN A 465 21.75 32.34 9.77
N GLU A 466 21.00 31.28 10.11
CA GLU A 466 19.79 31.35 10.93
C GLU A 466 19.77 30.19 11.92
N PRO A 467 19.26 30.33 13.17
CA PRO A 467 19.34 29.21 14.12
C PRO A 467 18.48 28.01 13.70
N VAL A 468 18.91 26.80 14.08
CA VAL A 468 18.13 25.60 13.78
C VAL A 468 17.08 25.38 14.89
N SER A 469 15.81 25.21 14.49
CA SER A 469 14.75 24.86 15.42
C SER A 469 14.61 23.35 15.43
N LEU A 470 14.37 22.73 16.61
CA LEU A 470 14.18 21.29 16.70
C LEU A 470 12.88 20.80 16.05
N ASP A 471 11.95 21.71 15.73
CA ASP A 471 10.66 21.42 15.10
C ASP A 471 10.72 21.49 13.57
N THR A 472 11.91 21.35 12.98
CA THR A 472 12.09 21.40 11.53
C THR A 472 11.60 20.07 10.95
N HIS A 473 10.57 20.12 10.10
CA HIS A 473 10.03 18.92 9.49
C HIS A 473 10.92 18.45 8.34
N LEU A 474 11.35 17.18 8.41
CA LEU A 474 12.19 16.59 7.38
C LEU A 474 11.33 15.68 6.51
N ILE A 475 11.36 15.92 5.19
CA ILE A 475 10.58 15.16 4.20
C ILE A 475 11.15 13.73 3.99
N ASN A 476 10.54 12.94 3.08
CA ASN A 476 10.94 11.57 2.79
C ASN A 476 12.42 11.51 2.41
N ARG A 477 13.16 10.57 3.03
CA ARG A 477 14.60 10.37 2.86
C ARG A 477 15.43 11.61 3.26
N GLY A 478 14.85 12.51 4.07
CA GLY A 478 15.47 13.76 4.48
C GLY A 478 16.05 14.57 3.33
N ASN A 479 15.38 14.58 2.16
CA ASN A 479 15.91 15.29 1.00
C ASN A 479 15.59 16.79 1.00
N ASN A 480 15.16 17.36 2.14
CA ASN A 480 15.05 18.81 2.30
C ASN A 480 16.30 19.40 3.00
N TYR A 481 17.32 18.55 3.22
CA TYR A 481 18.63 18.81 3.83
C TYR A 481 19.70 18.28 2.87
N SER A 482 20.88 18.94 2.82
CA SER A 482 21.98 18.54 1.94
C SER A 482 22.62 17.22 2.40
N GLY A 483 23.42 16.61 1.51
CA GLY A 483 24.08 15.33 1.80
C GLY A 483 24.90 15.34 3.09
N GLY A 484 25.68 16.42 3.29
CA GLY A 484 26.49 16.60 4.49
C GLY A 484 25.64 16.87 5.72
N GLN A 485 24.54 17.63 5.55
CA GLN A 485 23.60 17.92 6.62
C GLN A 485 22.85 16.68 7.12
N LYS A 486 22.64 15.70 6.23
CA LYS A 486 22.01 14.44 6.60
C LYS A 486 22.98 13.61 7.47
N GLN A 487 24.28 13.61 7.11
CA GLN A 487 25.34 12.94 7.85
C GLN A 487 25.48 13.50 9.27
N ARG A 488 25.25 14.81 9.43
CA ARG A 488 25.32 15.48 10.71
C ARG A 488 24.19 15.05 11.65
N ILE A 489 23.01 14.68 11.10
CA ILE A 489 21.90 14.19 11.91
C ILE A 489 22.29 12.84 12.53
N SER A 490 22.89 11.95 11.71
CA SER A 490 23.35 10.64 12.15
C SER A 490 24.48 10.77 13.17
N LEU A 491 25.38 11.74 12.97
CA LEU A 491 26.49 12.00 13.88
C LEU A 491 25.98 12.57 15.22
N ALA A 492 24.90 13.39 15.18
CA ALA A 492 24.28 13.93 16.38
C ALA A 492 23.69 12.82 17.25
N ARG A 493 23.10 11.79 16.61
CA ARG A 493 22.55 10.64 17.31
C ARG A 493 23.60 9.93 18.17
N LEU A 494 24.87 9.89 17.70
CA LEU A 494 25.99 9.29 18.43
C LEU A 494 26.23 10.00 19.78
N PHE A 495 26.19 11.34 19.79
CA PHE A 495 26.39 12.17 20.98
C PHE A 495 25.35 11.96 22.08
N LEU A 496 24.14 11.49 21.71
CA LEU A 496 23.08 11.19 22.70
C LEU A 496 23.20 9.80 23.33
N ARG A 497 23.97 8.90 22.69
CA ARG A 497 24.21 7.56 23.20
C ARG A 497 25.50 7.51 24.02
N LYS A 498 25.70 6.42 24.77
CA LYS A 498 26.89 6.22 25.61
C LYS A 498 27.57 4.90 25.26
N PRO A 499 28.30 4.80 24.12
CA PRO A 499 28.95 3.53 23.77
C PRO A 499 30.42 3.39 24.17
N ALA A 500 30.93 2.15 24.12
CA ALA A 500 32.32 1.79 24.37
C ALA A 500 33.08 1.66 23.04
N ILE A 501 32.38 1.23 21.96
CA ILE A 501 32.96 1.05 20.63
C ILE A 501 32.14 1.91 19.65
N ILE A 502 32.82 2.79 18.90
CA ILE A 502 32.19 3.68 17.92
C ILE A 502 32.72 3.34 16.52
N ILE A 503 31.84 3.00 15.57
CA ILE A 503 32.28 2.67 14.21
C ILE A 503 31.81 3.73 13.22
N ILE A 504 32.75 4.36 12.52
CA ILE A 504 32.46 5.40 11.52
C ILE A 504 32.73 4.85 10.12
N ASP A 505 31.69 4.33 9.45
CA ASP A 505 31.82 3.73 8.13
C ASP A 505 31.48 4.78 7.07
N GLU A 506 32.49 5.54 6.63
CA GLU A 506 32.39 6.62 5.62
C GLU A 506 31.25 7.60 5.93
N ALA A 507 30.99 7.81 7.23
CA ALA A 507 29.90 8.67 7.72
C ALA A 507 30.14 10.19 7.58
N THR A 508 31.37 10.63 7.27
CA THR A 508 31.63 12.05 7.13
C THR A 508 32.13 12.42 5.72
N SER A 509 31.90 11.57 4.71
CA SER A 509 32.38 11.77 3.36
C SER A 509 31.90 13.08 2.72
N ALA A 510 30.61 13.42 2.88
CA ALA A 510 30.03 14.65 2.32
C ALA A 510 30.28 15.91 3.17
N LEU A 511 31.20 15.84 4.16
CA LEU A 511 31.59 17.00 4.97
C LEU A 511 32.93 17.55 4.46
N ASP A 512 33.11 18.89 4.50
CA ASP A 512 34.40 19.52 4.18
C ASP A 512 35.40 19.32 5.31
N TYR A 513 36.71 19.50 5.03
CA TYR A 513 37.80 19.26 6.00
C TYR A 513 37.59 19.95 7.37
N ILE A 514 36.98 21.15 7.37
CA ILE A 514 36.73 21.92 8.58
C ILE A 514 35.70 21.23 9.47
N ASN A 515 34.47 20.96 8.96
CA ASN A 515 33.42 20.25 9.69
C ASN A 515 33.80 18.83 10.06
N GLU A 516 34.42 18.09 9.12
CA GLU A 516 34.88 16.71 9.32
C GLU A 516 35.81 16.61 10.53
N SER A 517 36.91 17.37 10.53
CA SER A 517 37.89 17.39 11.61
C SER A 517 37.34 17.93 12.94
N GLU A 518 36.42 18.89 12.88
CA GLU A 518 35.77 19.47 14.06
C GLU A 518 34.86 18.46 14.75
N ILE A 519 34.11 17.65 13.97
CA ILE A 519 33.20 16.63 14.51
C ILE A 519 33.98 15.45 15.08
N LEU A 520 35.01 14.95 14.35
CA LEU A 520 35.83 13.84 14.80
C LEU A 520 36.60 14.15 16.08
N SER A 521 36.98 15.42 16.27
CA SER A 521 37.66 15.84 17.49
C SER A 521 36.67 15.86 18.65
N SER A 522 35.41 16.29 18.39
CA SER A 522 34.32 16.32 19.36
C SER A 522 33.91 14.92 19.81
N ILE A 523 34.04 13.92 18.91
CA ILE A 523 33.74 12.52 19.21
C ILE A 523 34.78 11.99 20.19
N ARG A 524 36.07 12.27 19.91
CA ARG A 524 37.19 11.84 20.74
C ARG A 524 37.19 12.52 22.14
N THR A 525 36.81 13.80 22.22
CA THR A 525 36.76 14.51 23.50
C THR A 525 35.57 14.06 24.36
N HIS A 526 34.38 13.92 23.77
CA HIS A 526 33.19 13.51 24.51
C HIS A 526 33.21 12.03 24.90
N PHE A 527 33.83 11.19 24.06
CA PHE A 527 33.99 9.77 24.34
C PHE A 527 35.50 9.48 24.40
N PRO A 528 36.19 9.85 25.50
CA PRO A 528 37.64 9.65 25.58
C PRO A 528 38.08 8.18 25.64
N ASP A 529 37.38 7.34 26.42
CA ASP A 529 37.70 5.92 26.53
C ASP A 529 36.86 5.13 25.53
N ALA A 530 37.00 5.42 24.24
CA ALA A 530 36.18 4.76 23.22
C ALA A 530 37.04 4.13 22.10
N LEU A 531 36.77 2.86 21.78
CA LEU A 531 37.44 2.17 20.70
C LEU A 531 36.82 2.64 19.39
N ILE A 532 37.52 3.49 18.62
CA ILE A 532 36.96 4.04 17.39
C ILE A 532 37.49 3.33 16.15
N ILE A 533 36.61 2.75 15.32
CA ILE A 533 37.02 2.11 14.07
C ILE A 533 36.54 2.99 12.92
N ASN A 534 37.48 3.49 12.11
CA ASN A 534 37.16 4.39 11.03
C ASN A 534 37.41 3.78 9.64
N ILE A 535 36.37 3.75 8.80
CA ILE A 535 36.49 3.25 7.44
C ILE A 535 36.54 4.46 6.52
N SER A 536 37.65 4.61 5.76
CA SER A 536 37.84 5.75 4.85
C SER A 536 38.79 5.43 3.70
N HIS A 537 38.63 6.10 2.55
CA HIS A 537 39.53 6.02 1.40
C HIS A 537 40.44 7.27 1.30
N ARG A 538 40.38 8.19 2.28
CA ARG A 538 41.11 9.44 2.32
C ARG A 538 42.30 9.35 3.29
N ILE A 539 43.43 9.98 2.91
CA ILE A 539 44.65 10.10 3.71
C ILE A 539 44.43 10.81 5.06
N ASN A 540 43.61 11.88 5.06
CA ASN A 540 43.28 12.69 6.22
C ASN A 540 42.86 11.84 7.45
N LEU A 541 41.98 10.85 7.23
CA LEU A 541 41.48 10.00 8.30
C LEU A 541 42.43 8.88 8.71
N LEU A 542 43.26 8.40 7.77
CA LEU A 542 44.24 7.33 8.01
C LEU A 542 45.43 7.83 8.84
N GLU A 543 45.88 9.07 8.55
CA GLU A 543 47.01 9.71 9.22
C GLU A 543 46.73 9.97 10.70
N CYS A 544 45.50 10.42 11.03
CA CYS A 544 45.09 10.76 12.40
C CYS A 544 44.79 9.55 13.31
N SER A 545 45.12 8.32 12.87
CA SER A 545 44.79 7.13 13.65
C SER A 545 46.03 6.43 14.23
N ASP A 546 45.83 5.71 15.35
CA ASP A 546 46.86 4.94 16.06
C ASP A 546 47.38 3.76 15.24
N CYS A 547 46.50 3.07 14.51
CA CYS A 547 46.92 1.95 13.67
C CYS A 547 46.00 1.83 12.46
N VAL A 548 46.54 1.47 11.29
CA VAL A 548 45.80 1.33 10.04
C VAL A 548 45.82 -0.15 9.61
N TYR A 549 44.67 -0.66 9.13
CA TYR A 549 44.55 -2.03 8.66
C TYR A 549 44.10 -2.03 7.20
N VAL A 550 44.85 -2.73 6.34
CA VAL A 550 44.52 -2.83 4.93
C VAL A 550 43.84 -4.17 4.67
N LEU A 551 42.56 -4.13 4.29
CA LEU A 551 41.77 -5.31 3.97
C LEU A 551 41.72 -5.44 2.45
N ASN A 552 42.15 -6.59 1.92
CA ASN A 552 42.13 -6.83 0.48
C ASN A 552 41.61 -8.24 0.23
N GLU A 553 40.55 -8.36 -0.62
CA GLU A 553 39.87 -9.59 -1.01
C GLU A 553 39.49 -10.46 0.19
N GLY A 554 39.00 -9.80 1.23
CA GLY A 554 38.52 -10.46 2.43
C GLY A 554 39.54 -10.81 3.49
N ASN A 555 40.81 -10.38 3.33
CA ASN A 555 41.84 -10.68 4.31
C ASN A 555 42.73 -9.47 4.61
N ILE A 556 43.24 -9.36 5.85
CA ILE A 556 44.11 -8.26 6.24
C ILE A 556 45.50 -8.47 5.64
N VAL A 557 45.81 -7.69 4.60
CA VAL A 557 47.04 -7.74 3.84
C VAL A 557 48.18 -6.97 4.55
N ALA A 558 47.87 -5.87 5.25
CA ALA A 558 48.89 -5.08 5.92
C ALA A 558 48.35 -4.44 7.21
N SER A 559 49.22 -4.26 8.20
CA SER A 559 48.87 -3.69 9.50
C SER A 559 50.02 -2.86 10.06
N GLY A 560 49.71 -1.72 10.69
CA GLY A 560 50.72 -0.89 11.32
C GLY A 560 50.42 0.59 11.26
N HIS A 561 51.37 1.43 11.70
CA HIS A 561 51.22 2.89 11.66
C HIS A 561 51.13 3.36 10.20
N PHE A 562 50.48 4.51 9.98
CA PHE A 562 50.30 5.04 8.63
C PHE A 562 51.63 5.32 7.93
N ARG A 563 52.60 5.93 8.64
CA ARG A 563 53.90 6.28 8.06
C ARG A 563 54.71 5.03 7.67
N ASP A 564 54.65 3.97 8.49
CA ASP A 564 55.31 2.68 8.22
C ASP A 564 54.67 1.96 7.03
N LEU A 565 53.33 2.03 6.91
CA LEU A 565 52.59 1.45 5.77
C LEU A 565 52.85 2.15 4.43
N MET A 566 53.05 3.49 4.46
CA MET A 566 53.40 4.28 3.27
C MET A 566 54.58 3.71 2.47
N VAL A 567 55.59 3.23 3.19
CA VAL A 567 56.80 2.69 2.57
C VAL A 567 56.62 1.21 2.16
N SER A 568 56.27 0.33 3.13
CA SER A 568 56.14 -1.11 2.91
C SER A 568 55.00 -1.48 1.93
N ASN A 569 53.79 -0.96 2.18
CA ASN A 569 52.59 -1.31 1.44
C ASN A 569 52.46 -0.45 0.18
N GLU A 570 52.15 -1.10 -0.95
CA GLU A 570 52.02 -0.45 -2.26
C GLU A 570 50.72 0.35 -2.37
N TYR A 571 49.61 -0.22 -1.86
CA TYR A 571 48.31 0.41 -1.95
C TYR A 571 48.27 1.71 -1.14
N ILE A 572 48.80 1.72 0.10
CA ILE A 572 48.87 2.92 0.95
C ILE A 572 49.83 3.95 0.34
N SER A 573 50.89 3.50 -0.37
CA SER A 573 51.88 4.38 -0.95
C SER A 573 51.28 5.21 -2.09
N GLY A 574 50.45 4.53 -2.92
CA GLY A 574 49.80 5.16 -4.05
C GLY A 574 48.71 6.15 -3.64
N LEU A 575 48.13 5.92 -2.42
CA LEU A 575 47.11 6.79 -1.83
C LEU A 575 47.73 8.11 -1.37
N ALA A 576 48.95 8.04 -0.78
CA ALA A 576 49.69 9.23 -0.33
C ALA A 576 50.17 10.14 -1.48
N SER A 577 50.39 9.57 -2.69
CA SER A 577 50.90 10.35 -3.82
C SER A 577 49.78 11.07 -4.60
N VAL A 578 48.51 10.84 -4.25
CA VAL A 578 47.36 11.53 -4.84
C VAL A 578 47.31 12.99 -4.38
N THR A 579 47.82 13.30 -3.18
CA THR A 579 47.88 14.66 -2.62
C THR A 579 48.69 15.63 -3.50
N GLU A 580 49.76 15.13 -4.15
CA GLU A 580 50.63 15.88 -5.04
C GLU A 580 50.20 15.67 -6.49
N SER B 8 -16.64 15.54 -15.55
CA SER B 8 -15.16 15.43 -15.39
C SER B 8 -14.75 14.02 -14.97
N LEU B 9 -15.31 13.56 -13.83
CA LEU B 9 -14.91 12.33 -13.15
C LEU B 9 -15.42 11.12 -13.92
N PHE B 10 -16.69 11.18 -14.39
CA PHE B 10 -17.34 10.07 -15.08
C PHE B 10 -16.66 9.78 -16.42
N ASN B 11 -16.26 10.83 -17.17
CA ASN B 11 -15.51 10.67 -18.41
C ASN B 11 -14.22 9.87 -18.21
N TYR B 12 -13.49 10.15 -17.11
CA TYR B 12 -12.27 9.43 -16.73
C TYR B 12 -12.57 7.96 -16.47
N ILE B 13 -13.70 7.65 -15.82
CA ILE B 13 -14.08 6.27 -15.52
C ILE B 13 -14.50 5.54 -16.80
N TYR B 14 -15.26 6.21 -17.69
CA TYR B 14 -15.69 5.62 -18.96
C TYR B 14 -14.50 5.31 -19.88
N SER B 15 -13.44 6.14 -19.82
CA SER B 15 -12.22 5.94 -20.58
C SER B 15 -11.38 4.73 -20.09
N LEU B 16 -11.49 4.36 -18.79
CA LEU B 16 -10.77 3.22 -18.23
C LEU B 16 -11.24 1.86 -18.77
N MET B 17 -12.46 1.79 -19.33
CA MET B 17 -13.04 0.56 -19.85
C MET B 17 -12.77 0.46 -21.36
N ASP B 18 -12.33 -0.73 -21.83
CA ASP B 18 -12.12 -1.04 -23.24
C ASP B 18 -13.46 -1.49 -23.87
N VAL B 19 -13.41 -2.02 -25.11
CA VAL B 19 -14.60 -2.56 -25.77
C VAL B 19 -15.23 -3.68 -24.94
N ARG B 20 -14.41 -4.55 -24.34
CA ARG B 20 -14.88 -5.62 -23.46
C ARG B 20 -15.49 -5.05 -22.18
N GLY B 21 -14.85 -4.02 -21.62
CA GLY B 21 -15.33 -3.33 -20.42
C GLY B 21 -16.67 -2.62 -20.62
N LYS B 22 -16.88 -2.03 -21.81
CA LYS B 22 -18.13 -1.36 -22.15
C LYS B 22 -19.29 -2.36 -22.17
N PHE B 23 -19.09 -3.50 -22.86
CA PHE B 23 -20.07 -4.59 -22.94
C PHE B 23 -20.46 -5.09 -21.55
N LEU B 24 -19.45 -5.42 -20.73
CA LEU B 24 -19.64 -5.94 -19.37
C LEU B 24 -20.39 -4.93 -18.49
N PHE B 25 -20.14 -3.63 -18.65
CA PHE B 25 -20.82 -2.59 -17.90
C PHE B 25 -22.30 -2.49 -18.30
N PHE B 26 -22.59 -2.47 -19.61
CA PHE B 26 -23.97 -2.38 -20.09
C PHE B 26 -24.76 -3.68 -19.85
N SER B 27 -24.08 -4.83 -19.82
CA SER B 27 -24.69 -6.11 -19.48
C SER B 27 -25.18 -6.11 -18.02
N MET B 28 -24.38 -5.54 -17.12
CA MET B 28 -24.72 -5.36 -15.70
C MET B 28 -25.92 -4.41 -15.55
N LEU B 29 -25.97 -3.33 -16.36
CA LEU B 29 -27.07 -2.37 -16.36
C LEU B 29 -28.35 -2.98 -16.92
N PHE B 30 -28.24 -3.80 -17.98
CA PHE B 30 -29.38 -4.47 -18.60
C PHE B 30 -29.99 -5.54 -17.68
N ILE B 31 -29.15 -6.47 -17.19
CA ILE B 31 -29.55 -7.58 -16.31
C ILE B 31 -30.24 -7.07 -15.04
N THR B 32 -29.75 -5.97 -14.45
CA THR B 32 -30.34 -5.37 -13.24
C THR B 32 -31.69 -4.71 -13.55
N SER B 33 -31.84 -4.10 -14.74
CA SER B 33 -33.07 -3.43 -15.15
C SER B 33 -34.17 -4.43 -15.49
N LEU B 34 -33.84 -5.49 -16.27
CA LEU B 34 -34.74 -6.58 -16.64
C LEU B 34 -35.28 -7.29 -15.39
N SER B 35 -34.39 -7.62 -14.45
CA SER B 35 -34.73 -8.26 -13.18
C SER B 35 -35.72 -7.43 -12.35
N SER B 36 -35.58 -6.09 -12.37
CA SER B 36 -36.45 -5.17 -11.65
C SER B 36 -37.88 -5.18 -12.16
N ILE B 37 -38.06 -5.36 -13.48
CA ILE B 37 -39.38 -5.45 -14.14
C ILE B 37 -40.07 -6.75 -13.72
N ILE B 38 -39.34 -7.87 -13.81
CA ILE B 38 -39.81 -9.19 -13.45
C ILE B 38 -40.25 -9.25 -11.98
N ILE B 39 -39.42 -8.81 -11.03
CA ILE B 39 -39.74 -8.86 -9.61
C ILE B 39 -40.86 -7.88 -9.22
N SER B 40 -41.03 -6.75 -9.95
CA SER B 40 -42.12 -5.81 -9.65
C SER B 40 -43.52 -6.35 -10.01
N ILE B 41 -43.61 -7.47 -10.74
CA ILE B 41 -44.84 -8.19 -11.07
C ILE B 41 -45.27 -9.12 -9.92
N SER B 42 -44.31 -9.72 -9.19
CA SER B 42 -44.51 -10.69 -8.11
C SER B 42 -45.66 -10.39 -7.12
N PRO B 43 -45.82 -9.16 -6.54
CA PRO B 43 -46.94 -8.92 -5.63
C PRO B 43 -48.35 -9.03 -6.25
N LEU B 44 -48.49 -8.77 -7.56
CA LEU B 44 -49.75 -8.98 -8.28
C LEU B 44 -50.06 -10.47 -8.44
N ILE B 45 -49.03 -11.31 -8.63
CA ILE B 45 -49.20 -12.76 -8.71
C ILE B 45 -49.68 -13.31 -7.37
N LEU B 46 -49.10 -12.87 -6.25
CA LEU B 46 -49.53 -13.27 -4.90
C LEU B 46 -50.96 -12.84 -4.60
N ALA B 47 -51.35 -11.64 -5.06
CA ALA B 47 -52.70 -11.13 -4.92
C ALA B 47 -53.70 -12.03 -5.65
N LYS B 48 -53.36 -12.46 -6.87
CA LYS B 48 -54.19 -13.35 -7.68
C LYS B 48 -54.27 -14.77 -7.09
N ILE B 49 -53.19 -15.27 -6.47
CA ILE B 49 -53.20 -16.54 -5.74
C ILE B 49 -54.15 -16.40 -4.56
N THR B 50 -53.98 -15.34 -3.76
CA THR B 50 -54.79 -15.09 -2.57
C THR B 50 -56.28 -14.97 -2.92
N ASP B 51 -56.63 -14.21 -3.98
CA ASP B 51 -58.00 -14.02 -4.42
C ASP B 51 -58.65 -15.31 -4.93
N LEU B 52 -57.92 -16.11 -5.70
CA LEU B 52 -58.41 -17.39 -6.22
C LEU B 52 -58.80 -18.35 -5.10
N LEU B 53 -58.01 -18.40 -4.02
CA LEU B 53 -58.26 -19.24 -2.85
C LEU B 53 -59.34 -18.62 -1.95
N SER B 54 -59.28 -17.28 -1.73
CA SER B 54 -60.16 -16.56 -0.81
C SER B 54 -61.61 -16.61 -1.27
N GLY B 55 -62.49 -17.08 -0.37
CA GLY B 55 -63.90 -17.13 -0.67
C GLY B 55 -64.30 -18.50 -1.20
N SER B 56 -63.66 -18.96 -2.28
CA SER B 56 -63.97 -20.25 -2.88
C SER B 56 -63.63 -21.39 -1.91
N LEU B 57 -64.54 -22.36 -1.77
CA LEU B 57 -64.38 -23.48 -0.86
C LEU B 57 -63.84 -24.65 -1.67
N SER B 58 -62.57 -24.53 -2.05
CA SER B 58 -61.84 -25.46 -2.90
C SER B 58 -62.44 -25.66 -4.31
N ASN B 59 -63.24 -24.70 -4.82
CA ASN B 59 -63.85 -24.76 -6.16
C ASN B 59 -63.12 -23.89 -7.20
N PHE B 60 -62.01 -23.24 -6.82
CA PHE B 60 -61.08 -22.56 -7.72
C PHE B 60 -60.41 -23.51 -8.71
N SER B 61 -60.02 -23.01 -9.91
CA SER B 61 -59.33 -23.84 -10.89
C SER B 61 -57.88 -24.11 -10.44
N TYR B 62 -57.55 -25.40 -10.25
CA TYR B 62 -56.23 -25.84 -9.82
C TYR B 62 -55.16 -25.57 -10.89
N GLU B 63 -55.51 -25.71 -12.18
CA GLU B 63 -54.61 -25.44 -13.30
C GLU B 63 -54.10 -24.00 -13.31
N TYR B 64 -55.00 -23.02 -13.06
CA TYR B 64 -54.63 -21.62 -12.98
C TYR B 64 -53.78 -21.31 -11.74
N LEU B 65 -54.03 -22.00 -10.61
CA LEU B 65 -53.24 -21.87 -9.39
C LEU B 65 -51.80 -22.33 -9.63
N VAL B 66 -51.64 -23.48 -10.30
CA VAL B 66 -50.35 -24.06 -10.65
C VAL B 66 -49.58 -23.15 -11.60
N LEU B 67 -50.27 -22.55 -12.60
CA LEU B 67 -49.65 -21.61 -13.54
C LEU B 67 -49.11 -20.39 -12.81
N LEU B 68 -49.93 -19.79 -11.92
CA LEU B 68 -49.51 -18.63 -11.11
C LEU B 68 -48.35 -18.97 -10.18
N ALA B 69 -48.36 -20.19 -9.59
CA ALA B 69 -47.28 -20.66 -8.72
C ALA B 69 -45.96 -20.77 -9.48
N CYS B 70 -46.02 -21.19 -10.76
CA CYS B 70 -44.85 -21.28 -11.62
C CYS B 70 -44.32 -19.89 -12.00
N LEU B 71 -45.22 -18.92 -12.26
CA LEU B 71 -44.84 -17.55 -12.56
C LEU B 71 -44.15 -16.88 -11.38
N TYR B 72 -44.65 -17.11 -10.14
CA TYR B 72 -43.99 -16.60 -8.94
C TYR B 72 -42.61 -17.25 -8.77
N MET B 73 -42.50 -18.55 -9.08
CA MET B 73 -41.24 -19.28 -9.00
C MET B 73 -40.22 -18.76 -10.03
N PHE B 74 -40.67 -18.50 -11.27
CA PHE B 74 -39.86 -17.90 -12.32
C PHE B 74 -39.35 -16.51 -11.91
N CYS B 75 -40.23 -15.69 -11.29
CA CYS B 75 -39.89 -14.36 -10.80
C CYS B 75 -38.77 -14.41 -9.74
N VAL B 76 -38.81 -15.41 -8.85
CA VAL B 76 -37.79 -15.61 -7.83
C VAL B 76 -36.47 -16.08 -8.46
N ILE B 77 -36.55 -17.10 -9.34
CA ILE B 77 -35.37 -17.66 -10.01
C ILE B 77 -34.68 -16.60 -10.87
N SER B 78 -35.44 -15.81 -11.67
CA SER B 78 -34.90 -14.72 -12.48
C SER B 78 -34.14 -13.67 -11.65
N ASN B 79 -34.66 -13.33 -10.47
CA ASN B 79 -34.01 -12.38 -9.57
C ASN B 79 -32.74 -12.98 -8.95
N LYS B 80 -32.75 -14.27 -8.59
CA LYS B 80 -31.58 -14.91 -8.01
C LYS B 80 -30.48 -15.16 -9.05
N ALA B 81 -30.86 -15.49 -10.30
CA ALA B 81 -29.93 -15.65 -11.39
C ALA B 81 -29.29 -14.31 -11.78
N SER B 82 -30.06 -13.21 -11.68
CA SER B 82 -29.57 -11.87 -12.00
C SER B 82 -28.53 -11.36 -10.99
N VAL B 83 -28.66 -11.66 -9.68
CA VAL B 83 -27.65 -11.25 -8.71
C VAL B 83 -26.36 -12.05 -8.88
N PHE B 84 -26.45 -13.32 -9.29
CA PHE B 84 -25.28 -14.13 -9.61
C PHE B 84 -24.60 -13.67 -10.89
N LEU B 85 -25.38 -13.33 -11.92
CA LEU B 85 -24.84 -12.78 -13.17
C LEU B 85 -24.21 -11.41 -12.95
N PHE B 86 -24.83 -10.55 -12.14
CA PHE B 86 -24.24 -9.26 -11.79
C PHE B 86 -22.89 -9.44 -11.10
N MET B 87 -22.80 -10.40 -10.16
CA MET B 87 -21.57 -10.72 -9.43
C MET B 87 -20.43 -11.14 -10.35
N ILE B 88 -20.71 -12.10 -11.26
CA ILE B 88 -19.76 -12.63 -12.23
C ILE B 88 -19.28 -11.55 -13.20
N LEU B 89 -20.20 -10.69 -13.68
CA LEU B 89 -19.84 -9.60 -14.59
C LEU B 89 -19.07 -8.48 -13.87
N GLN B 90 -19.45 -8.16 -12.60
CA GLN B 90 -18.81 -7.13 -11.80
C GLN B 90 -17.34 -7.47 -11.50
N SER B 91 -17.07 -8.71 -11.08
CA SER B 91 -15.72 -9.20 -10.81
C SER B 91 -14.88 -9.26 -12.08
N SER B 92 -15.51 -9.67 -13.21
CA SER B 92 -14.85 -9.66 -14.51
C SER B 92 -14.49 -8.25 -14.99
N LEU B 93 -15.34 -7.26 -14.68
CA LEU B 93 -15.09 -5.85 -14.99
C LEU B 93 -14.01 -5.26 -14.08
N ARG B 94 -13.94 -5.70 -12.82
CA ARG B 94 -12.88 -5.29 -11.88
C ARG B 94 -11.50 -5.67 -12.44
N ILE B 95 -11.36 -6.93 -12.90
CA ILE B 95 -10.15 -7.48 -13.52
C ILE B 95 -9.77 -6.68 -14.79
N ASN B 96 -10.78 -6.37 -15.61
CA ASN B 96 -10.61 -5.65 -16.86
C ASN B 96 -10.13 -4.20 -16.63
N MET B 97 -10.69 -3.51 -15.62
CA MET B 97 -10.40 -2.10 -15.39
C MET B 97 -9.09 -1.82 -14.62
N GLN B 98 -8.71 -2.70 -13.67
CA GLN B 98 -7.56 -2.47 -12.78
C GLN B 98 -6.21 -2.31 -13.49
N LYS B 99 -5.95 -3.03 -14.61
CA LYS B 99 -4.68 -2.93 -15.33
C LYS B 99 -4.51 -1.55 -15.95
N LYS B 100 -5.53 -1.05 -16.65
CA LYS B 100 -5.48 0.27 -17.27
C LYS B 100 -5.43 1.40 -16.24
N MET B 101 -6.08 1.20 -15.08
CA MET B 101 -6.09 2.18 -14.00
C MET B 101 -4.69 2.32 -13.39
N SER B 102 -4.03 1.19 -13.09
CA SER B 102 -2.69 1.15 -12.49
C SER B 102 -1.61 1.72 -13.42
N LEU B 103 -1.65 1.36 -14.72
CA LEU B 103 -0.70 1.86 -15.71
C LEU B 103 -0.84 3.36 -15.92
N LYS B 104 -2.10 3.85 -15.96
CA LYS B 104 -2.35 5.28 -16.05
C LYS B 104 -1.74 6.03 -14.86
N TYR B 105 -1.86 5.47 -13.64
CA TYR B 105 -1.36 6.06 -12.41
C TYR B 105 0.16 6.17 -12.41
N LEU B 106 0.87 5.10 -12.86
CA LEU B 106 2.32 5.09 -12.97
C LEU B 106 2.80 6.16 -13.96
N ARG B 107 2.14 6.24 -15.12
CA ARG B 107 2.48 7.21 -16.15
C ARG B 107 2.10 8.64 -15.72
N GLU B 108 1.08 8.81 -14.86
CA GLU B 108 0.71 10.09 -14.25
C GLU B 108 1.81 10.58 -13.30
N LEU B 109 2.39 9.66 -12.51
CA LEU B 109 3.47 9.95 -11.57
C LEU B 109 4.77 10.31 -12.31
N TYR B 110 5.05 9.67 -13.46
CA TYR B 110 6.22 9.97 -14.29
C TYR B 110 6.19 11.41 -14.80
N ASN B 111 5.02 11.94 -15.16
CA ASN B 111 4.88 13.29 -15.68
C ASN B 111 4.84 14.36 -14.58
N GLU B 112 4.75 14.00 -13.29
CA GLU B 112 4.79 14.98 -12.20
C GLU B 112 6.21 15.57 -12.03
N ASN B 113 6.29 16.78 -11.44
CA ASN B 113 7.55 17.43 -11.11
C ASN B 113 8.12 16.84 -9.81
N ILE B 114 9.46 17.00 -9.66
CA ILE B 114 10.26 16.42 -8.59
C ILE B 114 9.76 16.91 -7.22
N THR B 115 9.39 18.19 -7.11
CA THR B 115 8.87 18.77 -5.87
C THR B 115 7.61 18.07 -5.39
N ASN B 116 6.66 17.76 -6.30
CA ASN B 116 5.41 17.07 -5.97
C ASN B 116 5.62 15.61 -5.60
N LEU B 117 6.58 14.93 -6.25
CA LEU B 117 6.91 13.55 -5.93
C LEU B 117 7.55 13.42 -4.54
N SER B 118 8.42 14.38 -4.16
CA SER B 118 9.07 14.41 -2.86
C SER B 118 8.15 14.74 -1.67
N LYS B 119 6.90 15.22 -1.94
CA LYS B 119 5.89 15.49 -0.93
C LYS B 119 5.50 14.24 -0.13
N ASN B 120 5.41 13.06 -0.79
CA ASN B 120 4.76 11.88 -0.22
C ASN B 120 5.54 10.60 -0.48
N ASN B 121 5.42 9.64 0.47
CA ASN B 121 6.16 8.38 0.46
C ASN B 121 5.51 7.38 -0.48
N ALA B 122 6.18 6.27 -0.83
CA ALA B 122 5.62 5.19 -1.63
C ALA B 122 4.46 4.43 -0.97
N GLY B 123 4.50 4.20 0.35
CA GLY B 123 3.38 3.58 1.05
C GLY B 123 2.08 4.36 0.91
N TYR B 124 2.19 5.70 0.95
CA TYR B 124 1.12 6.63 0.64
C TYR B 124 0.67 6.49 -0.80
N THR B 125 1.62 6.42 -1.74
CA THR B 125 1.36 6.26 -3.17
C THR B 125 0.60 4.97 -3.50
N THR B 126 1.03 3.82 -2.94
CA THR B 126 0.37 2.54 -3.18
C THR B 126 -1.04 2.51 -2.57
N GLN B 127 -1.20 3.06 -1.35
CA GLN B 127 -2.49 3.13 -0.69
C GLN B 127 -3.42 4.15 -1.34
N SER B 128 -2.89 5.21 -1.98
CA SER B 128 -3.68 6.18 -2.73
C SER B 128 -4.37 5.51 -3.92
N LEU B 129 -3.66 4.61 -4.62
CA LEU B 129 -4.22 3.80 -5.70
C LEU B 129 -5.31 2.88 -5.15
N ASN B 130 -5.09 2.26 -3.97
CA ASN B 130 -6.07 1.40 -3.30
C ASN B 130 -7.38 2.14 -3.05
N GLN B 131 -7.30 3.34 -2.46
CA GLN B 131 -8.46 4.17 -2.15
C GLN B 131 -9.18 4.62 -3.43
N ALA B 132 -8.44 5.05 -4.45
CA ALA B 132 -9.00 5.55 -5.70
C ALA B 132 -9.63 4.41 -6.52
N SER B 133 -8.97 3.25 -6.61
CA SER B 133 -9.50 2.10 -7.33
C SER B 133 -10.80 1.58 -6.71
N ASN B 134 -10.88 1.62 -5.37
CA ASN B 134 -12.07 1.26 -4.61
C ASN B 134 -13.22 2.21 -4.94
N ASP B 135 -12.96 3.53 -4.95
CA ASP B 135 -13.95 4.55 -5.27
C ASP B 135 -14.53 4.39 -6.68
N ILE B 136 -13.69 3.98 -7.65
CA ILE B 136 -14.17 3.73 -9.00
C ILE B 136 -15.09 2.50 -8.99
N TYR B 137 -14.66 1.40 -8.32
CA TYR B 137 -15.47 0.20 -8.13
C TYR B 137 -16.84 0.47 -7.51
N ILE B 138 -16.87 1.33 -6.46
CA ILE B 138 -18.10 1.78 -5.81
C ILE B 138 -18.99 2.53 -6.81
N LEU B 139 -18.42 3.52 -7.50
CA LEU B 139 -19.16 4.35 -8.45
C LEU B 139 -19.72 3.53 -9.62
N VAL B 140 -18.93 2.57 -10.16
CA VAL B 140 -19.37 1.68 -11.24
C VAL B 140 -20.60 0.85 -10.81
N ARG B 141 -20.56 0.31 -9.57
CA ARG B 141 -21.65 -0.47 -8.99
C ARG B 141 -22.93 0.38 -8.86
N ASN B 142 -22.84 1.59 -8.30
CA ASN B 142 -23.99 2.46 -8.10
C ASN B 142 -24.66 2.92 -9.39
N VAL B 143 -23.89 3.26 -10.44
CA VAL B 143 -24.48 3.68 -11.72
C VAL B 143 -25.10 2.49 -12.45
N SER B 144 -24.47 1.30 -12.39
CA SER B 144 -24.97 0.12 -13.08
C SER B 144 -26.17 -0.55 -12.36
N GLN B 145 -26.18 -0.56 -11.02
CA GLN B 145 -27.17 -1.29 -10.22
C GLN B 145 -28.08 -0.39 -9.38
N ASN B 146 -27.74 0.87 -9.08
CA ASN B 146 -28.55 1.70 -8.18
C ASN B 146 -29.31 2.82 -8.88
N ILE B 147 -29.47 2.79 -10.23
CA ILE B 147 -30.16 3.86 -10.95
C ILE B 147 -31.47 3.33 -11.55
N LEU B 148 -31.41 2.49 -12.60
CA LEU B 148 -32.60 1.97 -13.28
C LEU B 148 -33.42 1.01 -12.42
N SER B 149 -32.73 0.13 -11.66
CA SER B 149 -33.40 -0.88 -10.84
C SER B 149 -34.33 -0.28 -9.79
N PRO B 150 -33.94 0.70 -8.93
CA PRO B 150 -34.87 1.25 -7.95
C PRO B 150 -35.97 2.15 -8.53
N VAL B 151 -35.68 2.93 -9.59
CA VAL B 151 -36.69 3.79 -10.21
C VAL B 151 -37.83 2.95 -10.79
N ILE B 152 -37.52 1.90 -11.59
CA ILE B 152 -38.51 0.97 -12.14
C ILE B 152 -39.39 0.41 -11.01
N GLN B 153 -38.80 -0.07 -9.91
CA GLN B 153 -39.54 -0.64 -8.78
C GLN B 153 -40.38 0.38 -8.00
N LEU B 154 -39.89 1.62 -7.83
CA LEU B 154 -40.66 2.66 -7.12
C LEU B 154 -41.82 3.16 -7.98
N ILE B 155 -41.61 3.35 -9.29
CA ILE B 155 -42.65 3.79 -10.21
C ILE B 155 -43.75 2.72 -10.32
N SER B 156 -43.37 1.45 -10.55
CA SER B 156 -44.28 0.31 -10.66
C SER B 156 -45.19 0.16 -9.43
N THR B 157 -44.60 0.29 -8.23
CA THR B 157 -45.33 0.16 -6.98
C THR B 157 -46.42 1.23 -6.88
N ILE B 158 -46.08 2.51 -7.08
CA ILE B 158 -47.04 3.62 -7.01
C ILE B 158 -48.14 3.47 -8.09
N VAL B 159 -47.77 3.12 -9.34
CA VAL B 159 -48.70 2.95 -10.45
C VAL B 159 -49.77 1.89 -10.17
N VAL B 160 -49.38 0.66 -9.76
CA VAL B 160 -50.36 -0.40 -9.49
C VAL B 160 -51.19 -0.16 -8.22
N VAL B 161 -50.62 0.50 -7.18
CA VAL B 161 -51.38 0.83 -5.98
C VAL B 161 -52.38 1.97 -6.27
N LEU B 162 -52.04 2.90 -7.19
CA LEU B 162 -53.00 3.90 -7.67
C LEU B 162 -54.10 3.24 -8.51
N SER B 163 -53.77 2.19 -9.28
CA SER B 163 -54.71 1.41 -10.09
C SER B 163 -55.82 0.75 -9.26
N THR B 164 -55.44 0.24 -8.07
CA THR B 164 -56.40 -0.34 -7.13
C THR B 164 -57.23 0.71 -6.35
N LYS B 165 -57.07 2.02 -6.65
CA LYS B 165 -57.75 3.17 -6.06
C LYS B 165 -57.45 3.32 -4.56
N ASP B 166 -56.32 2.75 -4.08
CA ASP B 166 -55.89 2.84 -2.70
C ASP B 166 -55.05 4.12 -2.60
N TRP B 167 -55.71 5.24 -2.27
CA TRP B 167 -55.03 6.54 -2.22
C TRP B 167 -54.18 6.66 -0.95
N PHE B 168 -54.52 5.95 0.13
CA PHE B 168 -53.75 6.02 1.37
C PHE B 168 -52.41 5.31 1.22
N SER B 169 -52.39 4.06 0.73
CA SER B 169 -51.14 3.32 0.56
C SER B 169 -50.23 4.02 -0.46
N ALA B 170 -50.76 4.31 -1.66
CA ALA B 170 -50.02 5.01 -2.72
C ALA B 170 -49.50 6.39 -2.27
N GLY B 171 -50.30 7.09 -1.44
CA GLY B 171 -49.95 8.38 -0.89
C GLY B 171 -48.82 8.30 0.14
N VAL B 172 -48.94 7.38 1.11
CA VAL B 172 -47.93 7.19 2.15
C VAL B 172 -46.63 6.63 1.55
N PHE B 173 -46.72 5.73 0.56
CA PHE B 173 -45.53 5.22 -0.11
C PHE B 173 -44.79 6.33 -0.84
N PHE B 174 -45.53 7.22 -1.51
CA PHE B 174 -44.95 8.40 -2.13
C PHE B 174 -44.36 9.35 -1.08
N LEU B 175 -45.08 9.53 0.05
CA LEU B 175 -44.62 10.35 1.16
C LEU B 175 -43.29 9.84 1.72
N TYR B 176 -43.14 8.51 1.87
CA TYR B 176 -41.92 7.92 2.40
C TYR B 176 -40.72 8.25 1.50
N ILE B 177 -40.84 8.03 0.18
CA ILE B 177 -39.77 8.28 -0.79
C ILE B 177 -39.38 9.77 -0.77
N LEU B 178 -40.39 10.66 -0.73
CA LEU B 178 -40.18 12.11 -0.69
C LEU B 178 -39.43 12.55 0.57
N VAL B 179 -39.78 12.00 1.75
CA VAL B 179 -39.11 12.33 3.00
C VAL B 179 -37.71 11.72 3.03
N PHE B 180 -37.57 10.45 2.58
CA PHE B 180 -36.30 9.73 2.49
C PHE B 180 -35.27 10.52 1.68
N VAL B 181 -35.59 10.85 0.41
CA VAL B 181 -34.68 11.57 -0.47
C VAL B 181 -34.28 12.92 0.13
N ILE B 182 -35.23 13.68 0.71
CA ILE B 182 -34.94 14.99 1.33
C ILE B 182 -34.03 14.84 2.56
N PHE B 183 -34.36 13.96 3.51
CA PHE B 183 -33.61 13.78 4.76
C PHE B 183 -32.20 13.24 4.52
N ASN B 184 -32.05 12.22 3.66
CA ASN B 184 -30.76 11.60 3.40
C ASN B 184 -29.82 12.52 2.64
N THR B 185 -30.30 13.25 1.61
CA THR B 185 -29.47 14.23 0.89
C THR B 185 -29.08 15.42 1.78
N ARG B 186 -29.88 15.76 2.80
CA ARG B 186 -29.54 16.81 3.76
C ARG B 186 -28.43 16.35 4.74
N LEU B 187 -28.16 15.05 4.89
CA LEU B 187 -27.06 14.54 5.71
C LEU B 187 -25.91 13.91 4.92
N THR B 188 -26.05 13.68 3.61
CA THR B 188 -25.02 13.04 2.80
C THR B 188 -23.73 13.88 2.74
N GLY B 189 -23.84 15.22 2.79
CA GLY B 189 -22.69 16.10 2.84
C GLY B 189 -21.79 15.89 4.06
N SER B 190 -22.42 15.67 5.23
CA SER B 190 -21.72 15.41 6.48
C SER B 190 -20.97 14.08 6.45
N LEU B 191 -21.61 13.04 5.87
CA LEU B 191 -21.02 11.70 5.76
C LEU B 191 -19.79 11.71 4.85
N ALA B 192 -19.86 12.40 3.70
CA ALA B 192 -18.77 12.51 2.73
C ALA B 192 -17.53 13.19 3.31
N SER B 193 -17.75 14.27 4.10
CA SER B 193 -16.69 15.02 4.77
C SER B 193 -15.97 14.17 5.81
N LEU B 194 -16.75 13.50 6.68
CA LEU B 194 -16.21 12.63 7.73
C LEU B 194 -15.44 11.43 7.16
N ARG B 195 -15.90 10.88 6.02
CA ARG B 195 -15.27 9.73 5.38
C ARG B 195 -13.98 10.14 4.68
N LYS B 196 -14.00 11.29 3.97
CA LYS B 196 -12.83 11.81 3.28
C LYS B 196 -11.73 12.14 4.31
N HIS B 197 -12.11 12.78 5.42
CA HIS B 197 -11.22 13.11 6.51
C HIS B 197 -10.63 11.86 7.18
N SER B 198 -11.40 10.77 7.25
CA SER B 198 -10.95 9.48 7.77
C SER B 198 -9.98 8.80 6.81
N MET B 199 -10.28 8.82 5.51
CA MET B 199 -9.44 8.20 4.49
C MET B 199 -8.08 8.89 4.35
N ASP B 200 -8.04 10.21 4.59
CA ASP B 200 -6.80 10.98 4.57
C ASP B 200 -5.92 10.61 5.76
N ILE B 201 -6.52 10.47 6.96
CA ILE B 201 -5.80 10.03 8.16
C ILE B 201 -5.27 8.59 7.95
N THR B 202 -6.03 7.75 7.24
CA THR B 202 -5.63 6.40 6.88
C THR B 202 -4.37 6.42 6.02
N LEU B 203 -4.33 7.31 5.01
CA LEU B 203 -3.14 7.51 4.17
C LEU B 203 -1.94 7.95 5.01
N ASN B 204 -2.18 8.87 5.95
CA ASN B 204 -1.15 9.37 6.86
C ASN B 204 -0.58 8.25 7.75
N SER B 205 -1.43 7.30 8.19
CA SER B 205 -1.00 6.13 8.94
C SER B 205 -0.12 5.19 8.10
N TYR B 206 -0.46 5.03 6.80
CA TYR B 206 0.28 4.18 5.87
C TYR B 206 1.67 4.75 5.58
N SER B 207 1.76 6.09 5.41
CA SER B 207 3.03 6.78 5.20
C SER B 207 3.97 6.60 6.39
N LEU B 208 3.42 6.69 7.62
CA LEU B 208 4.18 6.52 8.85
C LEU B 208 4.62 5.07 9.04
N LEU B 209 3.82 4.06 8.63
CA LEU B 209 4.24 2.66 8.67
C LEU B 209 5.36 2.42 7.65
N SER B 210 5.15 2.91 6.42
CA SER B 210 6.11 2.77 5.33
C SER B 210 7.46 3.39 5.69
N ASP B 211 7.40 4.56 6.35
CA ASP B 211 8.57 5.31 6.81
C ASP B 211 9.33 4.54 7.90
N THR B 212 8.62 3.92 8.87
CA THR B 212 9.26 3.13 9.91
C THR B 212 9.93 1.86 9.35
N VAL B 213 9.30 1.17 8.38
CA VAL B 213 9.86 -0.04 7.75
C VAL B 213 11.11 0.28 6.90
N ASP B 214 11.10 1.40 6.15
CA ASP B 214 12.26 1.82 5.35
C ASP B 214 13.47 2.18 6.23
N ASN B 215 13.25 2.75 7.43
CA ASN B 215 14.30 3.04 8.40
C ASN B 215 14.26 2.08 9.59
N MET B 216 13.90 0.81 9.39
CA MET B 216 13.72 -0.17 10.48
C MET B 216 15.09 -0.58 11.07
N ILE B 217 16.12 -0.66 10.21
CA ILE B 217 17.47 -1.03 10.63
C ILE B 217 18.01 0.01 11.60
N ALA B 218 17.79 1.31 11.31
CA ALA B 218 18.16 2.42 12.19
C ALA B 218 17.42 2.41 13.52
N ALA B 219 16.11 2.11 13.47
CA ALA B 219 15.29 1.96 14.67
C ALA B 219 15.74 0.79 15.55
N LYS B 220 16.04 -0.36 14.92
CA LYS B 220 16.54 -1.56 15.60
C LYS B 220 17.86 -1.33 16.33
N LYS B 221 18.87 -0.73 15.65
CA LYS B 221 20.21 -0.52 16.21
C LYS B 221 20.23 0.58 17.29
N ASN B 222 19.32 1.57 17.21
CA ASN B 222 19.15 2.58 18.26
C ASN B 222 18.14 2.17 19.33
N ASN B 223 17.54 0.96 19.23
CA ASN B 223 16.45 0.48 20.07
C ASN B 223 15.26 1.44 19.95
N ALA B 224 14.73 1.99 21.05
CA ALA B 224 13.59 2.90 21.04
C ALA B 224 12.39 2.36 20.26
N LEU B 225 12.11 1.04 20.35
CA LEU B 225 10.86 0.45 19.88
C LEU B 225 9.66 1.23 20.44
N ARG B 226 9.80 1.71 21.70
CA ARG B 226 8.89 2.64 22.35
C ARG B 226 8.58 3.86 21.48
N LEU B 227 9.62 4.55 20.99
CA LEU B 227 9.46 5.76 20.18
C LEU B 227 8.74 5.49 18.86
N ILE B 228 9.18 4.46 18.12
CA ILE B 228 8.65 4.10 16.81
C ILE B 228 7.20 3.63 16.92
N SER B 229 6.90 2.80 17.94
CA SER B 229 5.57 2.27 18.18
C SER B 229 4.61 3.35 18.68
N GLU B 230 5.05 4.27 19.55
CA GLU B 230 4.21 5.36 20.06
C GLU B 230 3.78 6.31 18.93
N ARG B 231 4.67 6.57 17.95
CA ARG B 231 4.37 7.39 16.79
C ARG B 231 3.24 6.76 15.97
N TYR B 232 3.32 5.43 15.79
CA TYR B 232 2.33 4.67 15.04
C TYR B 232 1.02 4.51 15.82
N GLU B 233 1.10 4.32 17.15
CA GLU B 233 -0.03 4.24 18.06
C GLU B 233 -0.86 5.52 18.04
N ASP B 234 -0.19 6.68 18.03
CA ASP B 234 -0.87 7.98 17.96
C ASP B 234 -1.54 8.20 16.59
N ALA B 235 -0.94 7.65 15.52
CA ALA B 235 -1.49 7.71 14.17
C ALA B 235 -2.75 6.84 14.06
N LEU B 236 -2.70 5.65 14.67
CA LEU B 236 -3.82 4.71 14.68
C LEU B 236 -4.96 5.20 15.57
N THR B 237 -4.66 5.94 16.65
CA THR B 237 -5.66 6.54 17.53
C THR B 237 -6.40 7.66 16.80
N GLN B 238 -5.67 8.48 16.03
CA GLN B 238 -6.27 9.50 15.17
C GLN B 238 -7.16 8.86 14.10
N GLU B 239 -6.76 7.68 13.59
CA GLU B 239 -7.48 6.88 12.60
C GLU B 239 -8.78 6.33 13.19
N ASN B 240 -8.71 5.79 14.42
CA ASN B 240 -9.86 5.22 15.11
C ASN B 240 -10.90 6.28 15.47
N ASN B 241 -10.46 7.42 15.98
CA ASN B 241 -11.35 8.52 16.35
C ASN B 241 -12.12 9.05 15.13
N ALA B 242 -11.44 9.21 13.98
CA ALA B 242 -12.05 9.65 12.73
C ALA B 242 -13.05 8.64 12.18
N GLN B 243 -12.76 7.34 12.37
CA GLN B 243 -13.63 6.22 11.97
C GLN B 243 -14.88 6.14 12.85
N LYS B 244 -14.70 6.29 14.18
CA LYS B 244 -15.80 6.28 15.14
C LYS B 244 -16.78 7.45 14.92
N LYS B 245 -16.26 8.61 14.47
CA LYS B 245 -17.09 9.77 14.15
C LYS B 245 -18.03 9.47 12.99
N TYR B 246 -17.52 8.82 11.93
CA TYR B 246 -18.32 8.40 10.78
C TYR B 246 -19.30 7.29 11.14
N TRP B 247 -18.81 6.28 11.90
CA TRP B 247 -19.61 5.13 12.35
C TRP B 247 -20.85 5.59 13.12
N LEU B 248 -20.67 6.53 14.06
CA LEU B 248 -21.73 7.02 14.92
C LEU B 248 -22.80 7.77 14.11
N LEU B 249 -22.41 8.57 13.11
CA LEU B 249 -23.39 9.30 12.31
C LEU B 249 -24.13 8.37 11.34
N SER B 250 -23.43 7.46 10.65
CA SER B 250 -24.04 6.55 9.69
C SER B 250 -25.03 5.59 10.36
N SER B 251 -24.69 5.11 11.57
CA SER B 251 -25.59 4.27 12.36
C SER B 251 -26.82 5.05 12.88
N LYS B 252 -26.66 6.34 13.20
CA LYS B 252 -27.77 7.21 13.57
C LYS B 252 -28.72 7.45 12.38
N VAL B 253 -28.17 7.63 11.17
CA VAL B 253 -28.93 7.75 9.93
C VAL B 253 -29.72 6.46 9.67
N LEU B 254 -29.05 5.29 9.77
CA LEU B 254 -29.68 3.99 9.58
C LEU B 254 -30.84 3.77 10.56
N LEU B 255 -30.68 4.16 11.84
CA LEU B 255 -31.74 4.00 12.83
C LEU B 255 -32.90 4.96 12.59
N LEU B 256 -32.64 6.22 12.23
CA LEU B 256 -33.70 7.19 11.91
C LEU B 256 -34.47 6.81 10.64
N ASN B 257 -33.77 6.30 9.63
CA ASN B 257 -34.39 5.81 8.39
C ASN B 257 -35.24 4.56 8.65
N SER B 258 -34.77 3.68 9.55
CA SER B 258 -35.48 2.47 9.95
C SER B 258 -36.73 2.80 10.78
N LEU B 259 -36.62 3.76 11.71
CA LEU B 259 -37.73 4.20 12.55
C LEU B 259 -38.81 4.90 11.72
N LEU B 260 -38.41 5.68 10.70
CA LEU B 260 -39.37 6.30 9.79
C LEU B 260 -40.13 5.24 8.99
N ALA B 261 -39.44 4.16 8.59
CA ALA B 261 -40.04 3.06 7.84
C ALA B 261 -41.07 2.27 8.66
N VAL B 262 -40.80 1.99 9.95
CA VAL B 262 -41.77 1.27 10.79
C VAL B 262 -42.97 2.13 11.17
N ILE B 263 -42.88 3.47 11.11
CA ILE B 263 -44.01 4.34 11.40
C ILE B 263 -44.87 4.48 10.15
N LEU B 264 -44.31 4.86 8.99
CA LEU B 264 -45.09 5.08 7.79
C LEU B 264 -45.57 3.78 7.16
N PHE B 265 -44.70 2.78 6.92
CA PHE B 265 -45.13 1.49 6.38
C PHE B 265 -45.98 0.67 7.38
N GLY B 266 -45.77 0.89 8.69
CA GLY B 266 -46.61 0.32 9.73
C GLY B 266 -48.03 0.88 9.75
N SER B 267 -48.17 2.18 9.42
CA SER B 267 -49.47 2.84 9.27
C SER B 267 -50.28 2.28 8.10
N VAL B 268 -49.61 1.99 6.98
CA VAL B 268 -50.22 1.34 5.81
C VAL B 268 -50.70 -0.07 6.18
N PHE B 269 -49.90 -0.81 6.97
CA PHE B 269 -50.20 -2.18 7.38
C PHE B 269 -51.42 -2.23 8.31
N ILE B 270 -51.50 -1.33 9.30
CA ILE B 270 -52.64 -1.25 10.22
C ILE B 270 -53.93 -0.80 9.50
N TYR B 271 -53.81 0.14 8.54
CA TYR B 271 -54.94 0.62 7.76
C TYR B 271 -55.58 -0.51 6.95
N ASN B 272 -54.77 -1.36 6.31
CA ASN B 272 -55.28 -2.50 5.56
C ASN B 272 -55.75 -3.63 6.48
N ILE B 273 -55.20 -3.76 7.70
CA ILE B 273 -55.65 -4.71 8.72
C ILE B 273 -57.06 -4.36 9.17
N LEU B 274 -57.29 -3.09 9.54
CA LEU B 274 -58.62 -2.63 9.94
C LEU B 274 -59.59 -2.70 8.75
N GLY B 275 -59.08 -2.44 7.53
CA GLY B 275 -59.84 -2.59 6.31
C GLY B 275 -60.31 -4.02 6.05
N VAL B 276 -59.47 -5.02 6.31
CA VAL B 276 -59.86 -6.42 6.12
C VAL B 276 -60.81 -6.89 7.22
N LEU B 277 -60.64 -6.40 8.47
CA LEU B 277 -61.53 -6.75 9.57
C LEU B 277 -62.95 -6.18 9.39
N ASN B 278 -63.05 -4.89 9.04
CA ASN B 278 -64.31 -4.20 8.80
C ASN B 278 -64.98 -4.58 7.47
N GLY B 279 -64.24 -5.25 6.55
CA GLY B 279 -64.76 -5.70 5.26
C GLY B 279 -64.68 -4.65 4.15
N VAL B 280 -63.91 -3.56 4.34
CA VAL B 280 -63.72 -2.50 3.34
C VAL B 280 -62.61 -2.87 2.33
N VAL B 281 -61.65 -3.75 2.72
CA VAL B 281 -60.50 -4.15 1.92
C VAL B 281 -60.50 -5.68 1.77
N SER B 282 -60.13 -6.19 0.57
CA SER B 282 -60.04 -7.63 0.30
C SER B 282 -58.73 -8.22 0.83
N ILE B 283 -58.68 -9.54 1.07
CA ILE B 283 -57.47 -10.22 1.52
C ILE B 283 -56.41 -10.18 0.42
N GLY B 284 -56.82 -10.38 -0.85
CA GLY B 284 -55.94 -10.29 -2.01
C GLY B 284 -55.22 -8.94 -2.10
N HIS B 285 -55.95 -7.84 -1.83
CA HIS B 285 -55.39 -6.50 -1.77
C HIS B 285 -54.50 -6.32 -0.56
N PHE B 286 -54.88 -6.86 0.62
CA PHE B 286 -54.08 -6.77 1.84
C PHE B 286 -52.72 -7.45 1.65
N ILE B 287 -52.71 -8.67 1.07
CA ILE B 287 -51.48 -9.40 0.80
C ILE B 287 -50.64 -8.66 -0.26
N MET B 288 -51.26 -8.06 -1.27
CA MET B 288 -50.57 -7.27 -2.30
C MET B 288 -49.86 -6.06 -1.67
N ILE B 289 -50.52 -5.37 -0.73
CA ILE B 289 -49.95 -4.24 -0.01
C ILE B 289 -48.81 -4.68 0.90
N THR B 290 -48.97 -5.73 1.70
CA THR B 290 -47.90 -6.18 2.59
C THR B 290 -46.70 -6.67 1.77
N SER B 291 -46.93 -7.40 0.66
CA SER B 291 -45.83 -7.83 -0.21
C SER B 291 -45.13 -6.64 -0.87
N TYR B 292 -45.83 -5.52 -1.12
CA TYR B 292 -45.21 -4.30 -1.64
C TYR B 292 -44.34 -3.63 -0.57
N ILE B 293 -44.78 -3.64 0.71
CA ILE B 293 -44.00 -3.13 1.84
C ILE B 293 -42.66 -3.87 1.95
N ILE B 294 -42.67 -5.21 1.82
CA ILE B 294 -41.48 -6.04 1.88
C ILE B 294 -40.61 -5.79 0.64
N LEU B 295 -41.22 -5.78 -0.57
CA LEU B 295 -40.52 -5.56 -1.84
C LEU B 295 -39.76 -4.22 -1.85
N LEU B 296 -40.42 -3.15 -1.37
CA LEU B 296 -39.89 -1.79 -1.35
C LEU B 296 -38.61 -1.60 -0.51
N SER B 297 -38.32 -2.48 0.47
CA SER B 297 -37.09 -2.37 1.27
C SER B 297 -35.81 -2.39 0.43
N THR B 298 -35.70 -3.32 -0.54
CA THR B 298 -34.51 -3.47 -1.38
C THR B 298 -34.26 -2.21 -2.22
N PRO B 299 -35.22 -1.67 -3.01
CA PRO B 299 -35.00 -0.43 -3.76
C PRO B 299 -34.64 0.77 -2.87
N VAL B 300 -35.30 0.90 -1.70
CA VAL B 300 -35.05 1.99 -0.76
C VAL B 300 -33.61 1.94 -0.26
N GLU B 301 -33.12 0.71 0.06
CA GLU B 301 -31.72 0.47 0.42
C GLU B 301 -30.74 0.90 -0.69
N ASN B 302 -31.09 0.63 -1.95
CA ASN B 302 -30.31 1.00 -3.13
C ASN B 302 -30.33 2.51 -3.39
N ILE B 303 -31.44 3.20 -3.10
CA ILE B 303 -31.50 4.67 -3.24
C ILE B 303 -30.65 5.30 -2.13
N GLY B 304 -30.75 4.78 -0.89
CA GLY B 304 -29.93 5.21 0.23
C GLY B 304 -28.43 5.06 -0.01
N ALA B 305 -28.04 3.97 -0.69
CA ALA B 305 -26.67 3.75 -1.13
C ALA B 305 -26.32 4.67 -2.29
N LEU B 306 -27.20 4.84 -3.28
CA LEU B 306 -26.94 5.71 -4.44
C LEU B 306 -26.58 7.12 -3.99
N LEU B 307 -27.40 7.71 -3.10
CA LEU B 307 -27.19 9.08 -2.63
C LEU B 307 -25.87 9.23 -1.87
N SER B 308 -25.61 8.30 -0.93
CA SER B 308 -24.42 8.34 -0.07
C SER B 308 -23.13 8.02 -0.82
N GLU B 309 -23.12 6.91 -1.59
CA GLU B 309 -21.90 6.40 -2.20
C GLU B 309 -21.44 7.31 -3.34
N ILE B 310 -22.36 7.96 -4.08
CA ILE B 310 -21.94 8.90 -5.11
C ILE B 310 -21.34 10.15 -4.48
N ARG B 311 -21.95 10.72 -3.42
CA ARG B 311 -21.39 11.91 -2.77
C ARG B 311 -20.11 11.56 -1.98
N GLN B 312 -19.99 10.33 -1.43
CA GLN B 312 -18.79 9.92 -0.68
C GLN B 312 -17.62 9.61 -1.60
N SER B 313 -17.85 8.76 -2.61
CA SER B 313 -16.81 8.36 -3.55
C SER B 313 -16.43 9.49 -4.51
N MET B 314 -17.37 10.38 -4.88
CA MET B 314 -17.01 11.52 -5.73
C MET B 314 -16.16 12.54 -4.98
N SER B 315 -16.43 12.73 -3.67
CA SER B 315 -15.64 13.63 -2.82
C SER B 315 -14.21 13.12 -2.62
N SER B 316 -14.03 11.83 -2.31
CA SER B 316 -12.72 11.23 -2.08
C SER B 316 -11.93 11.05 -3.38
N LEU B 317 -12.60 10.79 -4.51
CA LEU B 317 -11.92 10.67 -5.79
C LEU B 317 -11.58 12.04 -6.38
N ALA B 318 -12.30 13.11 -6.01
CA ALA B 318 -11.98 14.48 -6.40
C ALA B 318 -10.64 14.93 -5.81
N GLY B 319 -10.40 14.60 -4.52
CA GLY B 319 -9.13 14.87 -3.85
C GLY B 319 -7.94 14.18 -4.51
N PHE B 320 -8.11 12.92 -4.95
CA PHE B 320 -7.08 12.16 -5.63
C PHE B 320 -6.70 12.76 -6.99
N ILE B 321 -7.70 13.14 -7.81
CA ILE B 321 -7.50 13.79 -9.11
C ILE B 321 -6.78 15.13 -8.92
N GLN B 322 -7.19 15.92 -7.91
CA GLN B 322 -6.59 17.23 -7.59
C GLN B 322 -5.10 17.16 -7.24
N ARG B 323 -4.71 16.25 -6.32
CA ARG B 323 -3.33 16.16 -5.84
C ARG B 323 -2.37 15.71 -6.95
N HIS B 324 -2.69 14.60 -7.64
CA HIS B 324 -1.83 14.03 -8.68
C HIS B 324 -1.89 14.88 -9.96
N ALA B 325 -3.09 15.21 -10.47
CA ALA B 325 -3.20 16.03 -11.68
C ALA B 325 -2.69 17.47 -11.45
N GLU B 326 -2.86 18.03 -10.23
CA GLU B 326 -2.36 19.36 -9.89
C GLU B 326 -1.68 19.33 -8.52
N PRO B 332 6.32 25.89 -22.41
CA PRO B 332 6.54 26.33 -23.80
C PRO B 332 7.87 25.79 -24.34
N SER B 333 7.83 24.60 -24.96
CA SER B 333 9.00 23.93 -25.51
C SER B 333 9.08 24.08 -27.04
N ILE B 334 10.30 23.99 -27.61
CA ILE B 334 10.55 24.13 -29.04
C ILE B 334 10.23 22.80 -29.72
N PRO B 335 9.41 22.75 -30.82
CA PRO B 335 9.04 21.50 -31.47
C PRO B 335 10.17 20.79 -32.24
N PHE B 336 10.58 19.60 -31.74
CA PHE B 336 11.57 18.71 -32.34
C PHE B 336 12.91 19.43 -32.55
N LEU B 337 13.34 20.15 -31.49
CA LEU B 337 14.57 20.93 -31.47
C LEU B 337 15.76 19.98 -31.57
N ASN B 338 16.73 20.31 -32.45
CA ASN B 338 17.91 19.50 -32.72
C ASN B 338 19.11 20.07 -31.97
N MET B 339 19.51 19.42 -30.85
CA MET B 339 20.60 19.91 -30.02
C MET B 339 21.94 19.66 -30.72
N GLU B 340 22.89 20.59 -30.49
CA GLU B 340 24.21 20.58 -31.12
C GLU B 340 25.06 19.46 -30.49
N ARG B 341 26.14 19.06 -31.18
CA ARG B 341 27.12 18.13 -30.62
C ARG B 341 27.85 18.76 -29.42
N LYS B 342 28.23 20.06 -29.53
CA LYS B 342 29.03 20.77 -28.53
C LYS B 342 28.18 21.88 -27.92
N LEU B 343 27.98 21.85 -26.58
CA LEU B 343 27.08 22.78 -25.90
C LEU B 343 27.82 23.58 -24.83
N ASN B 344 27.55 24.91 -24.82
CA ASN B 344 28.10 25.85 -23.86
C ASN B 344 26.99 26.26 -22.91
N LEU B 345 27.28 26.34 -21.60
CA LEU B 345 26.30 26.68 -20.59
C LEU B 345 26.50 28.14 -20.16
N SER B 346 25.44 28.96 -20.28
CA SER B 346 25.49 30.38 -19.95
C SER B 346 24.39 30.72 -18.94
N ILE B 347 24.74 30.79 -17.65
CA ILE B 347 23.80 31.07 -16.57
C ILE B 347 23.91 32.55 -16.22
N ARG B 348 22.81 33.31 -16.36
CA ARG B 348 22.78 34.76 -16.16
C ARG B 348 21.79 35.13 -15.04
N GLU B 349 22.32 35.62 -13.90
CA GLU B 349 21.59 36.14 -12.74
C GLU B 349 20.56 35.14 -12.18
N LEU B 350 20.99 33.88 -12.01
CA LEU B 350 20.13 32.80 -11.51
C LEU B 350 19.87 32.97 -10.00
N SER B 351 18.58 33.04 -9.64
CA SER B 351 18.12 33.17 -8.27
C SER B 351 17.06 32.10 -8.01
N PHE B 352 17.13 31.41 -6.86
CA PHE B 352 16.20 30.31 -6.55
C PHE B 352 15.94 30.23 -5.04
N SER B 353 14.71 29.82 -4.71
CA SER B 353 14.23 29.60 -3.35
C SER B 353 13.38 28.34 -3.35
N TYR B 354 13.54 27.49 -2.32
CA TYR B 354 12.67 26.33 -2.13
C TYR B 354 11.32 26.79 -1.58
N SER B 355 11.37 27.63 -0.52
CA SER B 355 10.25 28.34 0.08
C SER B 355 10.56 29.84 0.08
N ASP B 356 9.53 30.70 0.01
CA ASP B 356 9.68 32.16 -0.01
C ASP B 356 10.45 32.73 1.20
N ASP B 357 10.43 32.04 2.36
CA ASP B 357 11.14 32.44 3.58
C ASP B 357 12.63 32.77 3.37
N LYS B 358 13.38 31.95 2.59
CA LYS B 358 14.82 32.11 2.43
C LYS B 358 15.24 31.93 0.97
N LYS B 359 16.32 32.65 0.58
CA LYS B 359 16.96 32.58 -0.72
C LYS B 359 18.09 31.56 -0.63
N ILE B 360 18.13 30.60 -1.55
CA ILE B 360 19.18 29.58 -1.63
C ILE B 360 20.26 29.99 -2.64
N LEU B 361 19.87 30.48 -3.84
CA LEU B 361 20.81 30.97 -4.83
C LEU B 361 20.44 32.41 -5.19
N ASN B 362 21.44 33.32 -5.21
CA ASN B 362 21.19 34.74 -5.48
C ASN B 362 22.13 35.24 -6.58
N SER B 363 21.57 35.64 -7.73
CA SER B 363 22.27 36.28 -8.84
C SER B 363 23.55 35.57 -9.26
N VAL B 364 23.53 34.22 -9.35
CA VAL B 364 24.72 33.47 -9.72
C VAL B 364 24.90 33.56 -11.24
N SER B 365 26.02 34.18 -11.67
CA SER B 365 26.35 34.33 -13.08
C SER B 365 27.56 33.45 -13.42
N LEU B 366 27.40 32.55 -14.41
CA LEU B 366 28.45 31.67 -14.90
C LEU B 366 28.49 31.68 -16.43
N ASP B 367 29.65 31.32 -17.01
CA ASP B 367 29.81 31.08 -18.44
C ASP B 367 30.80 29.94 -18.60
N LEU B 368 30.28 28.74 -18.89
CA LEU B 368 31.05 27.51 -19.05
C LEU B 368 31.05 27.13 -20.54
N PHE B 369 32.14 26.48 -20.98
CA PHE B 369 32.32 26.16 -22.40
C PHE B 369 32.59 24.66 -22.60
N THR B 370 32.20 24.18 -23.81
CA THR B 370 32.35 22.79 -24.25
C THR B 370 33.80 22.28 -24.20
N GLY B 371 33.96 20.99 -23.90
CA GLY B 371 35.24 20.33 -23.82
C GLY B 371 36.08 20.64 -22.57
N LYS B 372 35.62 21.53 -21.68
CA LYS B 372 36.42 21.96 -20.52
C LYS B 372 35.83 21.39 -19.24
N MET B 373 36.70 20.99 -18.28
CA MET B 373 36.29 20.42 -17.01
C MET B 373 36.33 21.52 -15.95
N TYR B 374 35.15 21.83 -15.36
CA TYR B 374 35.03 22.83 -14.30
C TYR B 374 34.77 22.15 -12.97
N SER B 375 35.18 22.80 -11.87
CA SER B 375 34.94 22.34 -10.51
C SER B 375 34.07 23.35 -9.75
N LEU B 376 33.25 22.85 -8.81
CA LEU B 376 32.36 23.66 -7.98
C LEU B 376 32.45 23.17 -6.54
N THR B 377 32.67 24.08 -5.56
CA THR B 377 32.83 23.73 -4.15
C THR B 377 32.23 24.84 -3.26
N GLY B 378 32.12 24.53 -1.95
CA GLY B 378 31.65 25.44 -0.94
C GLY B 378 31.08 24.68 0.24
N PRO B 379 30.59 25.37 1.29
CA PRO B 379 29.97 24.70 2.45
C PRO B 379 28.68 23.95 2.08
N SER B 380 28.09 23.27 3.09
CA SER B 380 26.87 22.48 2.91
C SER B 380 25.64 23.34 2.56
N GLY B 381 25.59 24.58 3.08
CA GLY B 381 24.46 25.48 2.88
C GLY B 381 24.49 26.30 1.59
N SER B 382 25.62 26.27 0.85
CA SER B 382 25.86 27.16 -0.28
C SER B 382 24.91 26.87 -1.45
N GLY B 383 24.67 25.58 -1.74
CA GLY B 383 23.74 25.17 -2.78
C GLY B 383 24.39 24.79 -4.11
N LYS B 384 25.37 23.87 -4.05
CA LYS B 384 25.97 23.29 -5.24
C LYS B 384 24.98 22.36 -5.92
N SER B 385 24.36 21.45 -5.13
CA SER B 385 23.40 20.46 -5.63
C SER B 385 22.15 21.14 -6.21
N THR B 386 21.63 22.17 -5.52
CA THR B 386 20.46 22.89 -5.99
C THR B 386 20.71 23.55 -7.35
N LEU B 387 21.85 24.24 -7.49
CA LEU B 387 22.26 24.93 -8.73
C LEU B 387 22.31 23.94 -9.89
N VAL B 388 22.94 22.78 -9.66
CA VAL B 388 23.09 21.77 -10.70
C VAL B 388 21.76 21.06 -10.98
N LYS B 389 20.88 20.92 -9.97
CA LYS B 389 19.52 20.38 -10.17
C LYS B 389 18.68 21.28 -11.09
N ILE B 390 18.85 22.61 -10.98
CA ILE B 390 18.19 23.59 -11.83
C ILE B 390 18.69 23.49 -13.27
N ILE B 391 19.99 23.26 -13.48
CA ILE B 391 20.57 23.04 -14.80
C ILE B 391 20.03 21.73 -15.40
N SER B 392 19.89 20.70 -14.54
CA SER B 392 19.30 19.41 -14.89
C SER B 392 17.78 19.47 -15.16
N GLY B 393 17.10 20.52 -14.69
CA GLY B 393 15.68 20.76 -14.91
C GLY B 393 14.78 20.15 -13.84
N TYR B 394 15.30 19.92 -12.61
CA TYR B 394 14.53 19.42 -11.47
C TYR B 394 13.46 20.44 -11.05
N TYR B 395 13.86 21.72 -10.96
CA TYR B 395 13.01 22.82 -10.53
C TYR B 395 13.00 23.88 -11.64
N LYS B 396 11.79 24.36 -12.00
CA LYS B 396 11.61 25.35 -13.08
C LYS B 396 11.20 26.73 -12.59
N ASN B 397 10.79 26.88 -11.30
CA ASN B 397 10.34 28.17 -10.76
C ASN B 397 11.57 28.94 -10.27
N TYR B 398 12.32 29.55 -11.20
CA TYR B 398 13.52 30.33 -10.89
C TYR B 398 13.48 31.68 -11.60
N PHE B 399 14.09 32.71 -10.96
CA PHE B 399 14.30 34.02 -11.55
C PHE B 399 15.69 34.02 -12.21
N GLY B 400 15.78 34.54 -13.44
CA GLY B 400 17.01 34.64 -14.21
C GLY B 400 16.93 33.79 -15.47
N ASP B 401 18.07 33.56 -16.15
CA ASP B 401 18.09 32.86 -17.43
C ASP B 401 19.26 31.87 -17.49
N ILE B 402 19.03 30.69 -18.09
CA ILE B 402 20.04 29.67 -18.33
C ILE B 402 19.95 29.32 -19.82
N TYR B 403 21.05 29.45 -20.57
CA TYR B 403 21.04 29.18 -22.00
C TYR B 403 21.95 28.00 -22.37
N LEU B 404 21.58 27.31 -23.47
CA LEU B 404 22.39 26.30 -24.11
C LEU B 404 22.53 26.71 -25.58
N ASN B 405 23.70 27.29 -25.95
CA ASN B 405 23.97 27.76 -27.31
C ASN B 405 22.92 28.82 -27.73
N ASP B 406 22.66 29.78 -26.83
CA ASP B 406 21.64 30.83 -26.98
C ASP B 406 20.22 30.28 -27.14
N ILE B 407 19.89 29.22 -26.36
CA ILE B 407 18.56 28.61 -26.28
C ILE B 407 18.20 28.53 -24.79
N SER B 408 17.06 29.14 -24.39
CA SER B 408 16.66 29.18 -22.99
C SER B 408 16.22 27.78 -22.53
N LEU B 409 16.53 27.45 -21.26
CA LEU B 409 16.13 26.20 -20.62
C LEU B 409 14.59 26.04 -20.58
N ARG B 410 13.89 27.16 -20.40
CA ARG B 410 12.43 27.26 -20.41
C ARG B 410 11.83 26.80 -21.75
N ASN B 411 12.53 27.08 -22.87
CA ASN B 411 12.15 26.69 -24.22
C ASN B 411 12.64 25.28 -24.62
N ILE B 412 13.31 24.54 -23.72
CA ILE B 412 13.81 23.19 -24.00
C ILE B 412 12.89 22.20 -23.28
N SER B 413 12.49 21.13 -23.99
CA SER B 413 11.66 20.06 -23.44
C SER B 413 12.46 19.21 -22.44
N ASP B 414 11.77 18.56 -21.50
CA ASP B 414 12.37 17.68 -20.51
C ASP B 414 13.11 16.50 -21.16
N GLU B 415 12.62 15.99 -22.29
CA GLU B 415 13.25 14.85 -22.95
C GLU B 415 14.54 15.27 -23.66
N ASP B 416 14.56 16.44 -24.32
CA ASP B 416 15.76 16.98 -24.98
C ASP B 416 16.87 17.35 -23.98
N LEU B 417 16.48 17.96 -22.84
CA LEU B 417 17.38 18.32 -21.75
C LEU B 417 18.00 17.10 -21.10
N ASN B 418 17.24 16.01 -20.94
CA ASN B 418 17.73 14.75 -20.39
C ASN B 418 18.69 14.03 -21.34
N ASP B 419 18.61 14.29 -22.65
CA ASP B 419 19.53 13.72 -23.64
C ASP B 419 20.86 14.47 -23.67
N ALA B 420 20.78 15.82 -23.68
CA ALA B 420 21.93 16.73 -23.70
C ALA B 420 22.69 16.75 -22.38
N ILE B 421 22.00 16.75 -21.23
CA ILE B 421 22.62 16.83 -19.92
C ILE B 421 22.41 15.51 -19.16
N TYR B 422 23.49 14.91 -18.64
CA TYR B 422 23.39 13.78 -17.73
C TYR B 422 23.95 14.15 -16.36
N TYR B 423 23.13 14.03 -15.31
CA TYR B 423 23.47 14.44 -13.95
C TYR B 423 23.62 13.18 -13.09
N LEU B 424 24.83 12.95 -12.60
CA LEU B 424 25.14 11.89 -11.66
C LEU B 424 24.87 12.41 -10.26
N THR B 425 23.75 11.97 -9.67
CA THR B 425 23.25 12.44 -8.38
C THR B 425 24.17 12.05 -7.20
N GLN B 426 24.04 12.83 -6.11
CA GLN B 426 24.75 12.62 -4.85
C GLN B 426 24.33 11.29 -4.21
N ASP B 427 23.02 11.02 -4.21
CA ASP B 427 22.42 9.78 -3.71
C ASP B 427 22.24 8.79 -4.85
N ASP B 428 22.38 7.47 -4.59
CA ASP B 428 22.24 6.44 -5.60
C ASP B 428 20.79 5.97 -5.70
N TYR B 429 20.28 5.81 -6.94
CA TYR B 429 18.93 5.30 -7.20
C TYR B 429 19.03 3.98 -7.97
N ILE B 430 19.16 2.88 -7.21
CA ILE B 430 19.28 1.53 -7.76
C ILE B 430 17.90 0.86 -7.73
N PHE B 431 17.49 0.29 -8.88
CA PHE B 431 16.20 -0.40 -9.02
C PHE B 431 16.34 -1.84 -8.52
N MET B 432 15.31 -2.34 -7.80
CA MET B 432 15.23 -3.72 -7.35
C MET B 432 14.89 -4.59 -8.56
N ASP B 433 15.92 -4.98 -9.32
CA ASP B 433 15.83 -5.83 -10.51
C ASP B 433 17.24 -6.36 -10.86
N THR B 434 17.41 -6.99 -12.05
CA THR B 434 18.72 -7.39 -12.55
C THR B 434 19.62 -6.19 -12.84
N LEU B 435 20.96 -6.43 -12.87
CA LEU B 435 21.93 -5.40 -13.25
C LEU B 435 21.66 -4.92 -14.69
N ARG B 436 21.25 -5.84 -15.58
CA ARG B 436 20.88 -5.53 -16.96
C ARG B 436 19.76 -4.48 -16.99
N PHE B 437 18.72 -4.63 -16.15
CA PHE B 437 17.61 -3.68 -16.08
C PHE B 437 18.10 -2.30 -15.65
N ASN B 438 18.93 -2.27 -14.59
CA ASN B 438 19.52 -1.03 -14.09
C ASN B 438 20.35 -0.28 -15.13
N LEU B 439 21.05 -1.00 -16.02
CA LEU B 439 21.84 -0.35 -17.07
C LEU B 439 20.98 -0.01 -18.29
N ARG B 440 19.97 -0.86 -18.61
CA ARG B 440 19.06 -0.59 -19.73
C ARG B 440 18.14 0.61 -19.50
N LEU B 441 18.08 1.13 -18.24
CA LEU B 441 17.45 2.39 -17.89
C LEU B 441 18.00 3.56 -18.70
N ALA B 442 19.34 3.57 -18.91
CA ALA B 442 20.07 4.57 -19.66
C ALA B 442 19.83 4.49 -21.18
N ASN B 443 19.69 3.26 -21.74
CA ASN B 443 19.38 3.04 -23.14
C ASN B 443 18.68 1.68 -23.32
N TYR B 444 17.41 1.68 -23.81
CA TYR B 444 16.58 0.49 -23.98
C TYR B 444 17.11 -0.46 -25.07
N ASP B 445 17.58 0.09 -26.20
CA ASP B 445 18.04 -0.69 -27.35
C ASP B 445 19.48 -1.23 -27.23
N ALA B 446 20.09 -1.22 -26.01
CA ALA B 446 21.48 -1.63 -25.81
C ALA B 446 21.66 -3.14 -25.98
N SER B 447 22.65 -3.55 -26.80
CA SER B 447 23.01 -4.95 -27.03
C SER B 447 23.70 -5.54 -25.80
N GLU B 448 23.54 -6.85 -25.53
CA GLU B 448 24.16 -7.50 -24.37
C GLU B 448 25.69 -7.37 -24.35
N ASN B 449 26.35 -7.38 -25.52
CA ASN B 449 27.79 -7.15 -25.64
C ASN B 449 28.17 -5.69 -25.34
N GLU B 450 27.34 -4.74 -25.79
CA GLU B 450 27.53 -3.30 -25.54
C GLU B 450 27.41 -2.96 -24.05
N ILE B 451 26.51 -3.64 -23.32
CA ILE B 451 26.29 -3.40 -21.89
C ILE B 451 27.51 -3.92 -21.10
N PHE B 452 28.12 -5.05 -21.50
CA PHE B 452 29.30 -5.61 -20.83
C PHE B 452 30.55 -4.74 -21.06
N LYS B 453 30.67 -4.09 -22.24
CA LYS B 453 31.73 -3.13 -22.52
C LYS B 453 31.70 -1.94 -21.55
N VAL B 454 30.49 -1.50 -21.21
CA VAL B 454 30.22 -0.43 -20.27
C VAL B 454 30.57 -0.85 -18.83
N LEU B 455 30.42 -2.14 -18.48
CA LEU B 455 30.80 -2.64 -17.17
C LEU B 455 32.31 -2.53 -16.92
N LYS B 456 33.15 -2.76 -17.95
CA LYS B 456 34.59 -2.57 -17.84
C LYS B 456 34.92 -1.10 -17.60
N LEU B 457 34.26 -0.18 -18.33
CA LEU B 457 34.40 1.27 -18.18
C LEU B 457 34.02 1.78 -16.78
N ALA B 458 33.07 1.11 -16.12
CA ALA B 458 32.69 1.42 -14.75
C ALA B 458 33.43 0.58 -13.69
N ASN B 459 34.42 -0.25 -14.09
CA ASN B 459 35.20 -1.16 -13.24
C ASN B 459 34.32 -2.14 -12.45
N LEU B 460 33.17 -2.52 -13.03
CA LEU B 460 32.18 -3.44 -12.46
C LEU B 460 32.08 -4.70 -13.32
N SER B 461 33.15 -5.06 -14.06
CA SER B 461 33.21 -6.23 -14.93
C SER B 461 33.52 -7.49 -14.13
N VAL B 462 34.37 -7.36 -13.08
CA VAL B 462 34.77 -8.44 -12.18
C VAL B 462 34.59 -7.95 -10.74
N VAL B 463 33.97 -8.77 -9.88
CA VAL B 463 33.75 -8.51 -8.47
C VAL B 463 34.06 -9.79 -7.70
N ASN B 464 34.86 -9.69 -6.61
CA ASN B 464 35.21 -10.79 -5.71
C ASN B 464 35.99 -11.89 -6.46
N ASN B 465 36.87 -11.49 -7.40
CA ASN B 465 37.72 -12.37 -8.21
C ASN B 465 36.92 -13.34 -9.10
N GLU B 466 35.69 -12.97 -9.50
CA GLU B 466 34.82 -13.79 -10.35
C GLU B 466 34.11 -12.87 -11.35
N PRO B 467 33.83 -13.29 -12.61
CA PRO B 467 33.18 -12.40 -13.58
C PRO B 467 31.75 -12.02 -13.19
N VAL B 468 31.31 -10.80 -13.54
CA VAL B 468 29.97 -10.33 -13.23
C VAL B 468 29.01 -10.85 -14.31
N SER B 469 27.89 -11.45 -13.90
CA SER B 469 26.80 -11.79 -14.81
C SER B 469 25.80 -10.62 -14.83
N LEU B 470 25.26 -10.26 -16.01
CA LEU B 470 24.25 -9.21 -16.12
C LEU B 470 22.89 -9.58 -15.48
N ASP B 471 22.69 -10.87 -15.15
CA ASP B 471 21.50 -11.41 -14.50
C ASP B 471 21.61 -11.42 -12.96
N THR B 472 22.47 -10.57 -12.38
CA THR B 472 22.63 -10.47 -10.93
C THR B 472 21.44 -9.69 -10.37
N HIS B 473 20.64 -10.34 -9.52
CA HIS B 473 19.47 -9.70 -8.92
C HIS B 473 19.91 -8.77 -7.79
N LEU B 474 19.50 -7.49 -7.87
CA LEU B 474 19.82 -6.50 -6.86
C LEU B 474 18.59 -6.28 -5.99
N ILE B 475 18.79 -6.38 -4.66
CA ILE B 475 17.71 -6.26 -3.68
C ILE B 475 17.29 -4.79 -3.50
N ASN B 476 16.34 -4.52 -2.57
CA ASN B 476 15.80 -3.19 -2.28
C ASN B 476 16.93 -2.21 -1.94
N ARG B 477 16.91 -1.02 -2.58
CA ARG B 477 17.94 0.00 -2.50
C ARG B 477 19.34 -0.50 -2.88
N GLY B 478 19.43 -1.55 -3.70
CA GLY B 478 20.67 -2.22 -4.07
C GLY B 478 21.62 -2.52 -2.91
N ASN B 479 21.13 -2.89 -1.73
CA ASN B 479 21.99 -3.10 -0.55
C ASN B 479 22.62 -4.51 -0.52
N ASN B 480 22.61 -5.27 -1.63
CA ASN B 480 23.43 -6.46 -1.80
C ASN B 480 24.78 -6.17 -2.49
N TYR B 481 25.04 -4.88 -2.77
CA TYR B 481 26.26 -4.31 -3.33
C TYR B 481 26.76 -3.23 -2.38
N SER B 482 28.09 -3.04 -2.33
CA SER B 482 28.73 -2.03 -1.47
C SER B 482 28.42 -0.61 -1.96
N GLY B 483 28.66 0.38 -1.08
CA GLY B 483 28.34 1.78 -1.40
C GLY B 483 29.05 2.27 -2.67
N GLY B 484 30.33 1.88 -2.83
CA GLY B 484 31.11 2.19 -4.02
C GLY B 484 30.61 1.43 -5.26
N GLN B 485 30.21 0.17 -5.08
CA GLN B 485 29.65 -0.65 -6.15
C GLN B 485 28.32 -0.11 -6.68
N LYS B 486 27.53 0.54 -5.80
CA LYS B 486 26.30 1.21 -6.21
C LYS B 486 26.60 2.44 -7.07
N GLN B 487 27.63 3.22 -6.69
CA GLN B 487 28.09 4.38 -7.46
C GLN B 487 28.56 3.98 -8.86
N ARG B 488 29.18 2.80 -8.99
CA ARG B 488 29.63 2.28 -10.28
C ARG B 488 28.46 1.93 -11.20
N ILE B 489 27.29 1.54 -10.67
CA ILE B 489 26.10 1.27 -11.47
C ILE B 489 25.64 2.58 -12.11
N SER B 490 25.58 3.66 -11.31
CA SER B 490 25.20 5.00 -11.76
C SER B 490 26.18 5.52 -12.82
N LEU B 491 27.48 5.28 -12.59
CA LEU B 491 28.53 5.68 -13.52
C LEU B 491 28.45 4.89 -14.83
N ALA B 492 28.07 3.60 -14.77
CA ALA B 492 27.89 2.76 -15.95
C ALA B 492 26.75 3.27 -16.84
N ARG B 493 25.66 3.77 -16.22
CA ARG B 493 24.57 4.39 -16.94
C ARG B 493 25.01 5.57 -17.81
N LEU B 494 26.00 6.37 -17.35
CA LEU B 494 26.57 7.50 -18.10
C LEU B 494 27.17 7.03 -19.44
N PHE B 495 27.93 5.94 -19.40
CA PHE B 495 28.61 5.37 -20.57
C PHE B 495 27.66 4.89 -21.68
N LEU B 496 26.40 4.54 -21.33
CA LEU B 496 25.39 4.12 -22.30
C LEU B 496 24.65 5.30 -22.95
N ARG B 497 24.71 6.50 -22.35
CA ARG B 497 24.12 7.72 -22.90
C ARG B 497 25.15 8.49 -23.73
N LYS B 498 24.67 9.50 -24.49
CA LYS B 498 25.50 10.33 -25.36
C LYS B 498 25.26 11.81 -25.02
N PRO B 499 25.75 12.36 -23.87
CA PRO B 499 25.48 13.75 -23.51
C PRO B 499 26.56 14.76 -23.93
N ALA B 500 26.16 16.05 -23.93
CA ALA B 500 27.03 17.20 -24.14
C ALA B 500 27.56 17.78 -22.82
N ILE B 501 26.75 17.71 -21.75
CA ILE B 501 27.12 18.20 -20.42
C ILE B 501 27.00 17.03 -19.44
N ILE B 502 28.06 16.78 -18.64
CA ILE B 502 28.10 15.72 -17.64
C ILE B 502 28.31 16.38 -16.27
N ILE B 503 27.45 16.12 -15.29
CA ILE B 503 27.58 16.69 -13.96
C ILE B 503 27.87 15.57 -12.96
N ILE B 504 28.97 15.67 -12.21
CA ILE B 504 29.38 14.67 -11.23
C ILE B 504 29.26 15.31 -9.84
N ASP B 505 28.12 15.08 -9.15
CA ASP B 505 27.85 15.65 -7.84
C ASP B 505 28.23 14.63 -6.76
N GLU B 506 29.49 14.66 -6.31
CA GLU B 506 30.06 13.77 -5.30
C GLU B 506 29.78 12.28 -5.59
N ALA B 507 29.74 11.93 -6.89
CA ALA B 507 29.31 10.62 -7.37
C ALA B 507 30.37 9.51 -7.21
N THR B 508 31.63 9.83 -6.90
CA THR B 508 32.68 8.84 -6.72
C THR B 508 33.27 8.85 -5.31
N SER B 509 32.56 9.40 -4.31
CA SER B 509 33.06 9.57 -2.95
C SER B 509 33.40 8.23 -2.27
N ALA B 510 32.55 7.19 -2.44
CA ALA B 510 32.79 5.87 -1.86
C ALA B 510 33.71 4.98 -2.70
N LEU B 511 34.44 5.52 -3.72
CA LEU B 511 35.48 4.78 -4.46
C LEU B 511 36.88 5.11 -3.92
N ASP B 512 37.80 4.14 -3.93
CA ASP B 512 39.22 4.35 -3.59
C ASP B 512 39.93 5.10 -4.72
N TYR B 513 41.12 5.66 -4.42
CA TYR B 513 41.94 6.44 -5.34
C TYR B 513 42.18 5.78 -6.72
N ILE B 514 42.29 4.44 -6.75
CA ILE B 514 42.54 3.66 -7.97
C ILE B 514 41.32 3.73 -8.87
N ASN B 515 40.16 3.23 -8.38
CA ASN B 515 38.90 3.20 -9.11
C ASN B 515 38.42 4.61 -9.50
N GLU B 516 38.49 5.57 -8.56
CA GLU B 516 38.04 6.95 -8.75
C GLU B 516 38.72 7.58 -9.98
N SER B 517 40.06 7.58 -9.96
CA SER B 517 40.88 8.16 -11.01
C SER B 517 40.77 7.40 -12.34
N GLU B 518 40.59 6.07 -12.29
CA GLU B 518 40.41 5.22 -13.47
C GLU B 518 39.08 5.53 -14.18
N ILE B 519 37.99 5.74 -13.41
CA ILE B 519 36.67 6.01 -13.98
C ILE B 519 36.62 7.43 -14.53
N LEU B 520 37.13 8.44 -13.78
CA LEU B 520 37.14 9.83 -14.24
C LEU B 520 37.94 10.02 -15.53
N SER B 521 39.01 9.25 -15.70
CA SER B 521 39.81 9.28 -16.92
C SER B 521 39.02 8.68 -18.09
N SER B 522 38.29 7.58 -17.82
CA SER B 522 37.43 6.89 -18.80
C SER B 522 36.28 7.78 -19.28
N ILE B 523 35.74 8.64 -18.39
CA ILE B 523 34.68 9.59 -18.70
C ILE B 523 35.21 10.63 -19.71
N ARG B 524 36.40 11.18 -19.40
CA ARG B 524 37.02 12.22 -20.23
C ARG B 524 37.48 11.68 -21.59
N THR B 525 37.96 10.43 -21.67
CA THR B 525 38.40 9.83 -22.94
C THR B 525 37.20 9.47 -23.83
N HIS B 526 36.15 8.83 -23.26
CA HIS B 526 34.97 8.44 -24.02
C HIS B 526 34.10 9.62 -24.43
N PHE B 527 34.04 10.67 -23.58
CA PHE B 527 33.31 11.90 -23.89
C PHE B 527 34.32 13.04 -23.95
N PRO B 528 35.11 13.17 -25.04
CA PRO B 528 36.10 14.24 -25.14
C PRO B 528 35.49 15.63 -25.26
N ASP B 529 34.41 15.80 -26.04
CA ASP B 529 33.79 17.11 -26.27
C ASP B 529 32.64 17.28 -25.28
N ALA B 530 32.94 17.18 -23.96
CA ALA B 530 31.89 17.21 -22.94
C ALA B 530 32.19 18.26 -21.89
N LEU B 531 31.20 19.12 -21.59
CA LEU B 531 31.30 20.12 -20.53
C LEU B 531 31.10 19.39 -19.21
N ILE B 532 32.17 19.19 -18.42
CA ILE B 532 32.08 18.41 -17.19
C ILE B 532 32.06 19.35 -15.98
N ILE B 533 31.01 19.27 -15.14
CA ILE B 533 30.93 20.05 -13.91
C ILE B 533 31.10 19.08 -12.75
N ASN B 534 32.14 19.27 -11.92
CA ASN B 534 32.46 18.34 -10.83
C ASN B 534 32.28 19.02 -9.46
N ILE B 535 31.44 18.43 -8.59
CA ILE B 535 31.25 18.92 -7.23
C ILE B 535 32.07 18.02 -6.31
N SER B 536 33.00 18.62 -5.54
CA SER B 536 33.85 17.91 -4.59
C SER B 536 34.38 18.81 -3.48
N HIS B 537 34.67 18.23 -2.30
CA HIS B 537 35.36 18.89 -1.18
C HIS B 537 36.83 18.46 -1.08
N ARG B 538 37.34 17.65 -2.04
CA ARG B 538 38.67 17.04 -2.00
C ARG B 538 39.56 17.75 -3.03
N ILE B 539 40.84 17.95 -2.66
CA ILE B 539 41.82 18.68 -3.46
C ILE B 539 42.12 17.96 -4.79
N ASN B 540 42.21 16.61 -4.76
CA ASN B 540 42.41 15.76 -5.93
C ASN B 540 41.57 16.15 -7.15
N LEU B 541 40.26 16.36 -6.94
CA LEU B 541 39.33 16.69 -8.02
C LEU B 541 39.37 18.17 -8.44
N LEU B 542 39.67 19.07 -7.50
CA LEU B 542 39.77 20.51 -7.77
C LEU B 542 41.01 20.88 -8.60
N GLU B 543 42.16 20.24 -8.28
CA GLU B 543 43.44 20.47 -8.92
C GLU B 543 43.42 20.06 -10.39
N CYS B 544 42.77 18.92 -10.72
CA CYS B 544 42.70 18.38 -12.07
C CYS B 544 41.80 19.16 -13.05
N SER B 545 41.17 20.30 -12.65
CA SER B 545 40.16 20.98 -13.46
C SER B 545 40.69 22.29 -14.07
N ASP B 546 40.10 22.68 -15.21
CA ASP B 546 40.43 23.88 -15.97
C ASP B 546 40.09 25.16 -15.20
N CYS B 547 38.98 25.21 -14.47
CA CYS B 547 38.61 26.34 -13.64
C CYS B 547 37.78 25.86 -12.44
N VAL B 548 37.93 26.53 -11.29
CA VAL B 548 37.24 26.19 -10.05
C VAL B 548 36.34 27.37 -9.66
N TYR B 549 35.12 27.08 -9.15
CA TYR B 549 34.18 28.08 -8.69
C TYR B 549 33.85 27.82 -7.22
N VAL B 550 33.98 28.87 -6.39
CA VAL B 550 33.64 28.79 -4.98
C VAL B 550 32.27 29.43 -4.80
N LEU B 551 31.30 28.61 -4.38
CA LEU B 551 29.95 29.07 -4.04
C LEU B 551 29.86 29.18 -2.51
N ASN B 552 29.49 30.38 -2.02
CA ASN B 552 29.34 30.60 -0.59
C ASN B 552 28.06 31.40 -0.34
N GLU B 553 27.16 30.86 0.52
CA GLU B 553 25.88 31.45 0.93
C GLU B 553 25.04 31.84 -0.29
N GLY B 554 25.02 30.95 -1.30
CA GLY B 554 24.22 31.11 -2.50
C GLY B 554 24.82 31.97 -3.60
N ASN B 555 26.08 32.45 -3.48
CA ASN B 555 26.67 33.32 -4.48
C ASN B 555 28.11 32.89 -4.77
N ILE B 556 28.57 33.11 -6.03
CA ILE B 556 29.93 32.79 -6.44
C ILE B 556 30.88 33.84 -5.85
N VAL B 557 31.63 33.42 -4.83
CA VAL B 557 32.58 34.26 -4.10
C VAL B 557 33.92 34.35 -4.84
N ALA B 558 34.36 33.27 -5.51
CA ALA B 558 35.66 33.24 -6.18
C ALA B 558 35.62 32.35 -7.43
N SER B 559 36.41 32.74 -8.45
CA SER B 559 36.50 32.03 -9.73
C SER B 559 37.92 32.10 -10.28
N GLY B 560 38.43 30.98 -10.81
CA GLY B 560 39.73 30.92 -11.48
C GLY B 560 40.44 29.59 -11.31
N HIS B 561 41.75 29.56 -11.66
CA HIS B 561 42.61 28.39 -11.50
C HIS B 561 42.71 27.99 -10.03
N PHE B 562 42.93 26.69 -9.77
CA PHE B 562 43.01 26.16 -8.41
C PHE B 562 44.15 26.83 -7.63
N ARG B 563 45.33 27.02 -8.23
CA ARG B 563 46.47 27.65 -7.54
C ARG B 563 46.22 29.11 -7.15
N ASP B 564 45.52 29.88 -7.98
CA ASP B 564 45.16 31.27 -7.72
C ASP B 564 44.18 31.40 -6.54
N LEU B 565 43.20 30.48 -6.47
CA LEU B 565 42.20 30.44 -5.41
C LEU B 565 42.72 29.87 -4.08
N MET B 566 43.71 28.96 -4.14
CA MET B 566 44.34 28.27 -3.01
C MET B 566 44.79 29.25 -1.92
N VAL B 567 45.40 30.38 -2.33
CA VAL B 567 45.89 31.38 -1.39
C VAL B 567 44.76 32.35 -1.00
N SER B 568 44.15 33.04 -2.01
CA SER B 568 43.20 34.12 -1.82
C SER B 568 41.92 33.72 -1.11
N ASN B 569 41.28 32.63 -1.56
CA ASN B 569 39.98 32.19 -1.04
C ASN B 569 40.13 31.51 0.33
N GLU B 570 39.21 31.85 1.27
CA GLU B 570 39.20 31.34 2.64
C GLU B 570 38.74 29.88 2.68
N TYR B 571 37.69 29.55 1.92
CA TYR B 571 37.12 28.22 1.93
C TYR B 571 38.14 27.20 1.39
N ILE B 572 38.77 27.50 0.23
CA ILE B 572 39.75 26.61 -0.39
C ILE B 572 41.02 26.53 0.48
N SER B 573 41.38 27.59 1.22
CA SER B 573 42.47 27.58 2.19
C SER B 573 42.22 26.58 3.32
N GLY B 574 40.96 26.51 3.81
CA GLY B 574 40.54 25.50 4.78
C GLY B 574 40.63 24.05 4.30
N LEU B 575 40.47 23.82 2.98
CA LEU B 575 40.62 22.52 2.35
C LEU B 575 42.11 22.16 2.20
N ALA B 576 42.96 23.15 1.83
CA ALA B 576 44.40 22.99 1.62
C ALA B 576 45.23 22.71 2.89
N SER B 577 44.64 22.87 4.09
CA SER B 577 45.28 22.57 5.38
C SER B 577 45.37 21.08 5.73
N VAL B 578 44.82 20.15 4.91
CA VAL B 578 44.90 18.71 5.13
C VAL B 578 46.34 18.29 5.49
N THR B 579 47.32 18.69 4.66
CA THR B 579 48.74 18.47 4.91
C THR B 579 49.41 19.81 5.25
#